data_2D2O
#
_entry.id   2D2O
#
_cell.length_a   113.690
_cell.length_b   118.710
_cell.length_c   112.380
_cell.angle_alpha   90.00
_cell.angle_beta   90.00
_cell.angle_gamma   90.00
#
_symmetry.space_group_name_H-M   'P 21 21 21'
#
loop_
_entity.id
_entity.type
_entity.pdbx_description
1 polymer 'Neopullulanase 2'
2 branched alpha-D-glucopyranose-(1-4)-alpha-D-glucopyranose-(1-4)-alpha-D-glucopyranose-(1-4)-alpha-D-glucopyranose-(1-4)-alpha-D-glucopyranose-(1-4)-alpha-D-glucopyranose
3 non-polymer 'CALCIUM ION'
4 water water
#
_entity_poly.entity_id   1
_entity_poly.type   'polypeptide(L)'
_entity_poly.pdbx_seq_one_letter_code
;MLLEAIFHEAKGSYAYPISETQLRVRLRAKKGDVVRCEVLYADRYASPEEELAHALAGKAGSDERFDYFEALLECSTKRV
KYVFLLTGPQGEAVYFGETGFSAERSKAGVFQYAYIHRSEVFTTPEWAKEAVIYQIFPERFANGDPSNDPPGTEQWAKDA
RPRHDSFYGGDLKGVIDRLPYLEELGVTALYFTPIFASPSHHKYDTADYLAIDPQFGDLPTFRRLVDEAHRRGIKIILDA
VFNHAGDQFFAFRDVLQKGEQSRYKDWFFIEDFPVSKTSRTNYETFAVQVPAMPKLRTENPEVKEYLFDVARFWMEQGID
GWRLNVANEVDHAFWREFRRLVKSLNPDALIVGEIWHDASGWLMGDQFDSVMNYLFRESVIRFFATGEIHAERFDAELTR
ARMLYPEQAAQGLWNLLDSHDTERFLTSCGGNEAKFRLAVLFQMTYLGTPLIYYGDEIGMAGATDPDCRRPMIWEEKEQN
RGLFEFYKELIRLRHRLASLTRGNVRSWHADKQANLYAFVRTVQDQHVGVVLNNRGEKQTVLLQVPESGGKTWLDCLTGE
EVHGKQGQLKLTLRPYQGMILWNGR
;
_entity_poly.pdbx_strand_id   A,B
#
loop_
_chem_comp.id
_chem_comp.type
_chem_comp.name
_chem_comp.formula
CA non-polymer 'CALCIUM ION' 'Ca 2'
GLC D-saccharide, alpha linking alpha-D-glucopyranose 'C6 H12 O6'
#
# COMPACT_ATOMS: atom_id res chain seq x y z
N MET A 1 -18.25 -24.17 1.64
CA MET A 1 -17.12 -23.21 1.46
C MET A 1 -17.46 -21.93 2.20
N LEU A 2 -16.62 -21.57 3.16
CA LEU A 2 -16.82 -20.38 3.97
C LEU A 2 -16.25 -19.16 3.24
N LEU A 3 -17.11 -18.48 2.48
CA LEU A 3 -16.70 -17.33 1.72
C LEU A 3 -16.17 -16.18 2.56
N GLU A 4 -16.63 -16.07 3.81
CA GLU A 4 -16.17 -15.00 4.69
C GLU A 4 -14.71 -15.15 5.06
N ALA A 5 -14.12 -16.29 4.76
CA ALA A 5 -12.72 -16.53 5.08
C ALA A 5 -11.82 -16.45 3.85
N ILE A 6 -12.39 -16.07 2.72
CA ILE A 6 -11.60 -15.97 1.49
C ILE A 6 -11.10 -14.56 1.27
N PHE A 7 -9.82 -14.44 0.95
CA PHE A 7 -9.22 -13.12 0.76
C PHE A 7 -8.26 -13.00 -0.41
N HIS A 8 -8.29 -11.83 -1.02
CA HIS A 8 -7.40 -11.47 -2.11
C HIS A 8 -7.52 -10.00 -2.43
N GLU A 9 -6.40 -9.38 -2.76
CA GLU A 9 -6.39 -7.98 -3.17
C GLU A 9 -5.42 -7.89 -4.32
N ALA A 10 -5.78 -7.10 -5.33
CA ALA A 10 -4.98 -6.92 -6.52
C ALA A 10 -3.78 -6.00 -6.32
N LYS A 11 -3.03 -6.23 -5.26
CA LYS A 11 -1.85 -5.41 -4.97
C LYS A 11 -1.15 -5.93 -3.72
N GLY A 12 -0.19 -5.17 -3.20
CA GLY A 12 0.52 -5.60 -2.01
C GLY A 12 1.21 -6.93 -2.20
N SER A 13 1.03 -7.85 -1.27
CA SER A 13 1.69 -9.15 -1.37
C SER A 13 0.80 -10.24 -1.97
N TYR A 14 -0.42 -9.87 -2.36
CA TYR A 14 -1.33 -10.85 -2.96
C TYR A 14 -1.37 -10.78 -4.50
N ALA A 15 -0.79 -9.72 -5.04
CA ALA A 15 -0.71 -9.54 -6.49
C ALA A 15 0.45 -8.59 -6.77
N TYR A 16 1.52 -9.12 -7.37
CA TYR A 16 2.68 -8.31 -7.69
C TYR A 16 3.45 -9.00 -8.80
N PRO A 17 4.22 -8.23 -9.58
CA PRO A 17 5.02 -8.79 -10.68
C PRO A 17 6.37 -9.32 -10.24
N ILE A 18 6.86 -10.33 -10.95
CA ILE A 18 8.18 -10.90 -10.67
C ILE A 18 9.02 -10.58 -11.90
N SER A 19 8.36 -10.05 -12.92
CA SER A 19 9.01 -9.64 -14.16
C SER A 19 8.07 -8.67 -14.85
N GLU A 20 8.49 -8.16 -16.00
CA GLU A 20 7.69 -7.22 -16.75
C GLU A 20 6.39 -7.81 -17.29
N THR A 21 6.38 -9.12 -17.49
CA THR A 21 5.20 -9.78 -18.05
C THR A 21 4.64 -10.95 -17.24
N GLN A 22 4.96 -11.01 -15.95
CA GLN A 22 4.45 -12.09 -15.12
C GLN A 22 3.97 -11.58 -13.78
N LEU A 23 2.71 -11.86 -13.48
CA LEU A 23 2.11 -11.43 -12.23
C LEU A 23 1.84 -12.61 -11.29
N ARG A 24 2.43 -12.54 -10.09
CA ARG A 24 2.22 -13.58 -9.09
C ARG A 24 0.98 -13.20 -8.31
N VAL A 25 0.07 -14.15 -8.12
CA VAL A 25 -1.14 -13.85 -7.37
C VAL A 25 -1.36 -14.89 -6.28
N ARG A 26 -1.84 -14.44 -5.14
CA ARG A 26 -2.08 -15.34 -4.03
C ARG A 26 -3.50 -15.18 -3.52
N LEU A 27 -4.03 -16.25 -2.97
CA LEU A 27 -5.39 -16.24 -2.44
C LEU A 27 -5.43 -17.13 -1.22
N ARG A 28 -6.13 -16.67 -0.19
CA ARG A 28 -6.24 -17.50 1.00
C ARG A 28 -7.70 -17.83 1.28
N ALA A 29 -7.91 -19.06 1.74
CA ALA A 29 -9.24 -19.55 2.08
C ALA A 29 -9.10 -20.35 3.36
N LYS A 30 -10.21 -20.56 4.07
CA LYS A 30 -10.18 -21.34 5.31
C LYS A 30 -9.50 -22.67 4.97
N LYS A 31 -8.57 -23.09 5.83
CA LYS A 31 -7.86 -24.34 5.61
C LYS A 31 -8.82 -25.50 5.32
N GLY A 32 -8.59 -26.21 4.22
CA GLY A 32 -9.44 -27.33 3.87
C GLY A 32 -10.65 -27.02 3.00
N ASP A 33 -11.11 -25.77 3.02
CA ASP A 33 -12.27 -25.35 2.24
C ASP A 33 -12.14 -25.52 0.72
N VAL A 34 -10.97 -25.19 0.19
CA VAL A 34 -10.74 -25.27 -1.25
C VAL A 34 -9.78 -26.38 -1.64
N VAL A 35 -10.16 -27.15 -2.64
CA VAL A 35 -9.34 -28.26 -3.12
C VAL A 35 -8.63 -27.91 -4.43
N ARG A 36 -9.21 -26.98 -5.18
CA ARG A 36 -8.62 -26.54 -6.44
C ARG A 36 -8.88 -25.06 -6.60
N CYS A 37 -7.83 -24.32 -6.96
CA CYS A 37 -7.93 -22.87 -7.16
C CYS A 37 -7.34 -22.58 -8.53
N GLU A 38 -8.16 -22.06 -9.43
CA GLU A 38 -7.72 -21.75 -10.77
C GLU A 38 -7.96 -20.28 -11.07
N VAL A 39 -7.08 -19.69 -11.87
CA VAL A 39 -7.23 -18.30 -12.25
C VAL A 39 -7.54 -18.21 -13.74
N LEU A 40 -8.62 -17.50 -14.06
CA LEU A 40 -9.01 -17.31 -15.45
C LEU A 40 -8.73 -15.85 -15.73
N TYR A 41 -7.85 -15.58 -16.70
CA TYR A 41 -7.48 -14.20 -16.97
C TYR A 41 -7.32 -13.82 -18.44
N ALA A 42 -7.18 -12.51 -18.67
CA ALA A 42 -7.00 -11.98 -20.02
C ALA A 42 -6.52 -10.54 -19.98
N ASP A 43 -6.15 -10.01 -21.13
CA ASP A 43 -5.71 -8.62 -21.21
C ASP A 43 -6.90 -7.79 -20.79
N ARG A 44 -6.64 -6.63 -20.17
CA ARG A 44 -7.72 -5.78 -19.71
C ARG A 44 -8.60 -5.20 -20.82
N TYR A 45 -8.15 -5.29 -22.07
CA TYR A 45 -8.96 -4.79 -23.18
C TYR A 45 -9.42 -5.89 -24.12
N ALA A 46 -9.29 -7.14 -23.68
CA ALA A 46 -9.70 -8.27 -24.50
C ALA A 46 -11.20 -8.22 -24.76
N SER A 47 -11.60 -8.65 -25.96
CA SER A 47 -13.02 -8.67 -26.33
C SER A 47 -13.77 -9.68 -25.48
N PRO A 48 -15.06 -9.42 -25.21
CA PRO A 48 -15.83 -10.36 -24.39
C PRO A 48 -15.97 -11.70 -25.10
N GLU A 49 -15.65 -11.73 -26.39
CA GLU A 49 -15.72 -12.94 -27.20
C GLU A 49 -14.47 -13.80 -27.08
N GLU A 50 -13.37 -13.20 -26.64
CA GLU A 50 -12.11 -13.94 -26.51
C GLU A 50 -12.14 -14.89 -25.33
N GLU A 51 -11.47 -16.03 -25.49
CA GLU A 51 -11.41 -17.02 -24.42
C GLU A 51 -10.37 -16.61 -23.38
N LEU A 52 -10.67 -16.86 -22.11
CA LEU A 52 -9.76 -16.53 -21.03
C LEU A 52 -8.62 -17.52 -20.92
N ALA A 53 -7.48 -17.05 -20.42
CA ALA A 53 -6.31 -17.89 -20.22
C ALA A 53 -6.48 -18.63 -18.89
N HIS A 54 -5.80 -19.76 -18.76
CA HIS A 54 -5.90 -20.57 -17.54
C HIS A 54 -4.59 -20.70 -16.78
N ALA A 55 -4.67 -20.62 -15.45
CA ALA A 55 -3.50 -20.75 -14.58
C ALA A 55 -3.91 -21.45 -13.30
N LEU A 56 -3.34 -22.62 -13.05
CA LEU A 56 -3.66 -23.38 -11.84
C LEU A 56 -2.77 -22.90 -10.69
N ALA A 57 -3.40 -22.53 -9.59
CA ALA A 57 -2.69 -22.05 -8.40
C ALA A 57 -2.50 -23.14 -7.36
N GLY A 58 -1.27 -23.57 -7.17
CA GLY A 58 -1.00 -24.60 -6.18
C GLY A 58 -1.02 -24.06 -4.76
N LYS A 59 -1.15 -24.96 -3.80
CA LYS A 59 -1.16 -24.57 -2.39
C LYS A 59 0.30 -24.28 -2.04
N ALA A 60 0.60 -23.00 -1.79
CA ALA A 60 1.96 -22.60 -1.45
C ALA A 60 2.23 -22.72 0.05
N GLY A 61 1.18 -22.99 0.81
CA GLY A 61 1.35 -23.11 2.25
C GLY A 61 0.03 -23.15 3.00
N SER A 62 0.12 -23.32 4.30
CA SER A 62 -1.05 -23.36 5.17
C SER A 62 -0.58 -23.02 6.57
N ASP A 63 -1.39 -22.25 7.30
CA ASP A 63 -1.02 -21.94 8.67
C ASP A 63 -2.05 -22.60 9.57
N GLU A 64 -2.37 -21.96 10.68
CA GLU A 64 -3.33 -22.54 11.62
C GLU A 64 -4.77 -22.50 11.12
N ARG A 65 -5.15 -21.43 10.44
CA ARG A 65 -6.52 -21.27 9.98
C ARG A 65 -6.74 -21.25 8.47
N PHE A 66 -5.71 -20.91 7.72
CA PHE A 66 -5.85 -20.82 6.26
C PHE A 66 -4.95 -21.66 5.37
N ASP A 67 -5.36 -21.73 4.12
CA ASP A 67 -4.63 -22.37 3.04
C ASP A 67 -4.23 -21.17 2.19
N TYR A 68 -3.07 -21.23 1.55
CA TYR A 68 -2.64 -20.12 0.69
C TYR A 68 -2.36 -20.68 -0.68
N PHE A 69 -3.12 -20.21 -1.67
CA PHE A 69 -2.95 -20.66 -3.04
C PHE A 69 -2.16 -19.60 -3.80
N GLU A 70 -1.30 -20.04 -4.71
CA GLU A 70 -0.44 -19.12 -5.45
C GLU A 70 -0.35 -19.52 -6.91
N ALA A 71 -0.42 -18.54 -7.81
CA ALA A 71 -0.35 -18.81 -9.23
C ALA A 71 0.49 -17.75 -9.94
N LEU A 72 0.94 -18.09 -11.15
CA LEU A 72 1.74 -17.18 -11.96
C LEU A 72 0.98 -16.90 -13.26
N LEU A 73 0.69 -15.63 -13.51
CA LEU A 73 -0.05 -15.24 -14.72
C LEU A 73 0.89 -14.66 -15.77
N GLU A 74 0.86 -15.25 -16.97
CA GLU A 74 1.68 -14.79 -18.08
C GLU A 74 0.92 -13.65 -18.75
N CYS A 75 1.42 -12.42 -18.57
CA CYS A 75 0.77 -11.23 -19.13
C CYS A 75 1.62 -10.48 -20.15
N SER A 76 1.61 -10.95 -21.39
CA SER A 76 2.38 -10.31 -22.45
C SER A 76 2.00 -8.84 -22.66
N THR A 77 0.76 -8.49 -22.36
CA THR A 77 0.31 -7.11 -22.54
C THR A 77 0.62 -6.22 -21.35
N LYS A 78 1.04 -6.81 -20.25
CA LYS A 78 1.38 -6.04 -19.04
C LYS A 78 0.12 -5.42 -18.41
N ARG A 79 -1.04 -5.90 -18.85
CA ARG A 79 -2.32 -5.41 -18.34
C ARG A 79 -3.17 -6.66 -18.15
N VAL A 80 -3.71 -6.87 -16.95
CA VAL A 80 -4.49 -8.08 -16.72
C VAL A 80 -5.72 -7.94 -15.83
N LYS A 81 -6.76 -8.68 -16.20
CA LYS A 81 -8.00 -8.73 -15.44
C LYS A 81 -8.17 -10.22 -15.19
N TYR A 82 -8.65 -10.59 -14.01
CA TYR A 82 -8.80 -12.01 -13.71
C TYR A 82 -9.85 -12.31 -12.67
N VAL A 83 -10.25 -13.58 -12.65
CA VAL A 83 -11.26 -14.06 -11.72
C VAL A 83 -10.82 -15.44 -11.24
N PHE A 84 -11.12 -15.75 -9.99
CA PHE A 84 -10.75 -17.05 -9.43
C PHE A 84 -11.91 -18.05 -9.52
N LEU A 85 -11.56 -19.30 -9.77
CA LEU A 85 -12.53 -20.38 -9.81
C LEU A 85 -12.12 -21.31 -8.69
N LEU A 86 -12.92 -21.34 -7.62
CA LEU A 86 -12.62 -22.18 -6.46
C LEU A 86 -13.56 -23.38 -6.37
N THR A 87 -12.97 -24.56 -6.27
CA THR A 87 -13.76 -25.80 -6.18
C THR A 87 -13.64 -26.43 -4.79
N GLY A 88 -14.78 -26.68 -4.17
CA GLY A 88 -14.80 -27.30 -2.85
C GLY A 88 -14.59 -28.79 -2.91
N PRO A 89 -14.48 -29.47 -1.75
CA PRO A 89 -14.27 -30.92 -1.68
C PRO A 89 -15.34 -31.73 -2.40
N GLN A 90 -16.59 -31.29 -2.29
CA GLN A 90 -17.71 -31.99 -2.92
C GLN A 90 -17.82 -31.63 -4.39
N GLY A 91 -16.98 -30.72 -4.85
CA GLY A 91 -17.02 -30.32 -6.24
C GLY A 91 -17.75 -29.01 -6.46
N GLU A 92 -18.16 -28.36 -5.37
CA GLU A 92 -18.85 -27.08 -5.46
C GLU A 92 -17.92 -26.11 -6.19
N ALA A 93 -18.47 -25.29 -7.07
CA ALA A 93 -17.68 -24.34 -7.82
C ALA A 93 -18.21 -22.92 -7.67
N VAL A 94 -17.34 -22.01 -7.25
CA VAL A 94 -17.73 -20.62 -7.07
C VAL A 94 -16.68 -19.70 -7.66
N TYR A 95 -17.15 -18.68 -8.36
CA TYR A 95 -16.26 -17.69 -8.97
C TYR A 95 -16.07 -16.54 -7.99
N PHE A 96 -14.85 -16.01 -7.94
CA PHE A 96 -14.51 -14.93 -7.03
C PHE A 96 -13.76 -13.81 -7.76
N GLY A 97 -14.36 -12.63 -7.81
CA GLY A 97 -13.75 -11.49 -8.47
C GLY A 97 -13.95 -10.23 -7.67
N GLU A 98 -13.57 -9.08 -8.22
CA GLU A 98 -13.71 -7.81 -7.52
C GLU A 98 -15.14 -7.54 -7.07
N THR A 99 -16.11 -7.96 -7.87
CA THR A 99 -17.51 -7.74 -7.53
C THR A 99 -17.95 -8.61 -6.34
N GLY A 100 -17.48 -9.85 -6.32
CA GLY A 100 -17.84 -10.74 -5.23
C GLY A 100 -17.83 -12.20 -5.65
N PHE A 101 -18.68 -12.99 -5.01
CA PHE A 101 -18.77 -14.42 -5.30
C PHE A 101 -20.03 -14.74 -6.07
N SER A 102 -19.97 -15.78 -6.89
CA SER A 102 -21.12 -16.22 -7.66
C SER A 102 -20.84 -17.49 -8.43
N ALA A 103 -21.87 -18.30 -8.60
CA ALA A 103 -21.74 -19.54 -9.35
C ALA A 103 -21.60 -19.14 -10.82
N GLU A 104 -22.00 -17.90 -11.12
CA GLU A 104 -21.90 -17.36 -12.48
C GLU A 104 -20.66 -16.49 -12.57
N ARG A 105 -19.75 -16.86 -13.47
CA ARG A 105 -18.50 -16.13 -13.64
C ARG A 105 -18.66 -14.63 -13.82
N SER A 106 -19.48 -14.22 -14.78
CA SER A 106 -19.66 -12.79 -15.05
C SER A 106 -20.10 -11.98 -13.84
N LYS A 107 -20.91 -12.57 -12.97
CA LYS A 107 -21.38 -11.86 -11.79
C LYS A 107 -20.32 -11.68 -10.72
N ALA A 108 -19.25 -12.46 -10.80
CA ALA A 108 -18.16 -12.37 -9.83
C ALA A 108 -17.28 -11.17 -10.15
N GLY A 109 -17.36 -10.71 -11.39
CA GLY A 109 -16.55 -9.56 -11.79
C GLY A 109 -15.12 -10.00 -11.96
N VAL A 110 -14.21 -9.04 -12.15
CA VAL A 110 -12.81 -9.37 -12.31
C VAL A 110 -11.91 -8.44 -11.54
N PHE A 111 -10.85 -8.99 -10.96
CA PHE A 111 -9.88 -8.16 -10.27
C PHE A 111 -9.06 -7.60 -11.42
N GLN A 112 -8.45 -6.44 -11.22
CA GLN A 112 -7.64 -5.86 -12.27
C GLN A 112 -6.30 -5.34 -11.79
N TYR A 113 -5.24 -5.74 -12.50
CA TYR A 113 -3.92 -5.24 -12.21
C TYR A 113 -3.69 -4.36 -13.44
N ALA A 114 -4.08 -3.10 -13.33
CA ALA A 114 -4.01 -2.12 -14.41
C ALA A 114 -2.83 -2.19 -15.35
N TYR A 115 -1.62 -2.04 -14.82
CA TYR A 115 -0.43 -2.05 -15.69
C TYR A 115 0.82 -2.47 -14.91
N ILE A 116 1.70 -3.20 -15.58
CA ILE A 116 2.94 -3.63 -14.96
C ILE A 116 4.10 -2.77 -15.49
N HIS A 117 4.53 -1.78 -14.72
CA HIS A 117 5.63 -0.93 -15.12
C HIS A 117 6.95 -1.56 -14.70
N ARG A 118 7.89 -1.66 -15.63
CA ARG A 118 9.18 -2.27 -15.32
C ARG A 118 9.82 -1.62 -14.09
N SER A 119 9.63 -0.32 -13.93
CA SER A 119 10.22 0.39 -12.80
C SER A 119 9.60 0.00 -11.45
N GLU A 120 8.48 -0.72 -11.47
CA GLU A 120 7.83 -1.10 -10.22
C GLU A 120 8.06 -2.56 -9.88
N VAL A 121 8.80 -3.27 -10.72
CA VAL A 121 9.08 -4.67 -10.45
C VAL A 121 10.17 -4.71 -9.37
N PHE A 122 9.79 -5.21 -8.19
CA PHE A 122 10.69 -5.31 -7.04
C PHE A 122 12.00 -5.99 -7.46
N THR A 123 13.12 -5.27 -7.32
CA THR A 123 14.41 -5.85 -7.69
C THR A 123 15.44 -5.61 -6.58
N THR A 124 16.12 -6.68 -6.19
CA THR A 124 17.12 -6.62 -5.13
C THR A 124 18.50 -7.02 -5.67
N PRO A 125 19.58 -6.62 -4.95
CA PRO A 125 20.95 -6.95 -5.38
C PRO A 125 21.13 -8.46 -5.39
N GLU A 126 21.61 -8.99 -6.52
CA GLU A 126 21.81 -10.42 -6.67
C GLU A 126 22.63 -11.11 -5.56
N TRP A 127 23.68 -10.44 -5.08
CA TRP A 127 24.54 -11.01 -4.05
C TRP A 127 23.90 -11.16 -2.68
N ALA A 128 22.96 -10.28 -2.36
CA ALA A 128 22.30 -10.29 -1.04
C ALA A 128 21.57 -11.59 -0.72
N LYS A 129 21.10 -12.28 -1.74
CA LYS A 129 20.37 -13.53 -1.56
C LYS A 129 21.23 -14.64 -0.97
N GLU A 130 22.48 -14.71 -1.39
CA GLU A 130 23.36 -15.76 -0.90
C GLU A 130 24.39 -15.30 0.13
N ALA A 131 24.11 -14.20 0.80
CA ALA A 131 25.02 -13.68 1.80
C ALA A 131 24.79 -14.25 3.20
N VAL A 132 25.84 -14.17 4.01
CA VAL A 132 25.79 -14.58 5.41
C VAL A 132 26.40 -13.38 6.09
N ILE A 133 25.57 -12.61 6.80
CA ILE A 133 26.04 -11.40 7.47
C ILE A 133 26.47 -11.61 8.91
N TYR A 134 27.50 -10.87 9.32
CA TYR A 134 28.04 -10.94 10.68
C TYR A 134 27.90 -9.53 11.24
N GLN A 135 27.24 -9.38 12.37
CA GLN A 135 27.05 -8.08 12.96
C GLN A 135 28.18 -7.71 13.92
N ILE A 136 28.79 -6.56 13.68
CA ILE A 136 29.88 -6.07 14.50
C ILE A 136 29.48 -4.84 15.30
N PHE A 137 29.56 -4.96 16.63
CA PHE A 137 29.29 -3.85 17.53
C PHE A 137 30.76 -3.48 17.80
N PRO A 138 31.33 -2.58 16.98
CA PRO A 138 32.72 -2.13 17.07
C PRO A 138 33.37 -1.84 18.42
N GLU A 139 32.66 -1.18 19.34
CA GLU A 139 33.25 -0.87 20.63
C GLU A 139 33.58 -2.14 21.42
N ARG A 140 32.98 -3.26 21.04
CA ARG A 140 33.19 -4.51 21.77
C ARG A 140 33.72 -5.69 20.97
N PHE A 141 34.09 -5.47 19.71
CA PHE A 141 34.58 -6.58 18.90
C PHE A 141 36.08 -6.87 19.07
N ALA A 142 36.92 -5.90 18.75
CA ALA A 142 38.36 -6.07 18.87
C ALA A 142 39.11 -4.75 19.02
N ASN A 143 39.97 -4.69 20.04
CA ASN A 143 40.75 -3.50 20.31
C ASN A 143 42.11 -3.65 19.62
N GLY A 144 42.19 -3.23 18.37
CA GLY A 144 43.43 -3.34 17.64
C GLY A 144 44.39 -2.19 17.89
N ASP A 145 43.85 -1.07 18.38
CA ASP A 145 44.66 0.11 18.66
C ASP A 145 44.37 0.63 20.06
N PRO A 146 45.17 0.23 21.06
CA PRO A 146 44.95 0.69 22.43
C PRO A 146 45.17 2.18 22.67
N SER A 147 45.84 2.86 21.74
CA SER A 147 46.11 4.29 21.92
C SER A 147 44.91 5.20 21.71
N ASN A 148 43.87 4.73 21.02
CA ASN A 148 42.68 5.54 20.79
C ASN A 148 41.53 5.19 21.74
N ASP A 149 41.82 4.38 22.76
CA ASP A 149 40.79 3.95 23.71
C ASP A 149 40.15 5.09 24.47
N PRO A 150 38.84 5.00 24.70
CA PRO A 150 38.10 6.04 25.43
C PRO A 150 38.59 6.10 26.87
N PRO A 151 38.11 7.10 27.63
CA PRO A 151 38.51 7.27 29.04
C PRO A 151 37.82 6.21 29.89
N GLY A 152 38.51 5.75 30.92
CA GLY A 152 37.93 4.75 31.80
C GLY A 152 37.62 3.43 31.11
N THR A 153 38.41 3.08 30.10
CA THR A 153 38.21 1.82 29.41
C THR A 153 38.40 0.70 30.43
N GLU A 154 37.50 -0.27 30.42
CA GLU A 154 37.56 -1.39 31.36
C GLU A 154 38.29 -2.59 30.77
N GLN A 155 38.61 -3.54 31.65
CA GLN A 155 39.33 -4.76 31.27
C GLN A 155 38.57 -5.63 30.27
N TRP A 156 39.28 -6.03 29.22
CA TRP A 156 38.70 -6.88 28.19
C TRP A 156 38.73 -8.31 28.71
N ALA A 157 37.70 -8.72 29.43
CA ALA A 157 37.68 -10.07 30.00
C ALA A 157 36.34 -10.79 29.89
N LYS A 158 36.42 -12.11 29.94
CA LYS A 158 35.26 -12.98 29.84
C LYS A 158 34.25 -12.74 30.96
N ASP A 159 34.72 -12.27 32.10
CA ASP A 159 33.83 -12.01 33.23
C ASP A 159 33.34 -10.57 33.27
N ALA A 160 33.57 -9.84 32.19
CA ALA A 160 33.12 -8.45 32.10
C ALA A 160 31.60 -8.33 32.10
N ARG A 161 31.09 -7.34 32.84
CA ARG A 161 29.66 -7.07 32.93
C ARG A 161 29.45 -5.60 32.61
N PRO A 162 29.31 -5.28 31.32
CA PRO A 162 29.10 -3.90 30.87
C PRO A 162 27.96 -3.15 31.52
N ARG A 163 28.16 -1.85 31.68
CA ARG A 163 27.14 -0.97 32.22
C ARG A 163 26.74 -0.10 31.03
N HIS A 164 25.65 0.66 31.16
CA HIS A 164 25.18 1.50 30.07
C HIS A 164 26.22 2.50 29.58
N ASP A 165 27.19 2.82 30.43
CA ASP A 165 28.23 3.79 30.09
C ASP A 165 29.65 3.25 30.02
N SER A 166 29.79 1.94 29.87
CA SER A 166 31.11 1.30 29.80
C SER A 166 31.81 1.42 28.44
N PHE A 167 33.13 1.27 28.46
CA PHE A 167 33.96 1.28 27.25
C PHE A 167 35.01 0.18 27.40
N TYR A 168 35.36 -0.49 26.30
CA TYR A 168 36.37 -1.55 26.34
C TYR A 168 37.48 -1.32 25.31
N GLY A 169 37.29 -0.34 24.43
CA GLY A 169 38.31 -0.02 23.44
C GLY A 169 38.22 -0.64 22.06
N GLY A 170 37.12 -1.32 21.74
CA GLY A 170 37.01 -1.93 20.43
C GLY A 170 37.14 -0.89 19.33
N ASP A 171 37.78 -1.24 18.21
CA ASP A 171 37.95 -0.28 17.13
C ASP A 171 38.03 -0.92 15.74
N LEU A 172 38.16 -0.08 14.71
CA LEU A 172 38.24 -0.55 13.33
C LEU A 172 39.53 -1.30 13.02
N LYS A 173 40.62 -0.90 13.67
CA LYS A 173 41.89 -1.58 13.44
C LYS A 173 41.74 -3.03 13.88
N GLY A 174 41.04 -3.23 15.01
CA GLY A 174 40.82 -4.57 15.51
C GLY A 174 40.06 -5.42 14.48
N VAL A 175 39.00 -4.85 13.90
CA VAL A 175 38.23 -5.57 12.90
C VAL A 175 39.16 -6.02 11.79
N ILE A 176 40.04 -5.11 11.36
CA ILE A 176 40.98 -5.45 10.31
C ILE A 176 41.85 -6.63 10.73
N ASP A 177 42.28 -6.62 11.99
CA ASP A 177 43.12 -7.71 12.50
C ASP A 177 42.35 -9.04 12.54
N ARG A 178 41.05 -8.99 12.74
CA ARG A 178 40.26 -10.22 12.80
C ARG A 178 39.63 -10.65 11.48
N LEU A 179 39.99 -10.00 10.38
CA LEU A 179 39.41 -10.39 9.10
C LEU A 179 39.69 -11.86 8.74
N PRO A 180 40.90 -12.35 9.06
CA PRO A 180 41.19 -13.75 8.73
C PRO A 180 40.23 -14.70 9.46
N TYR A 181 39.85 -14.31 10.67
CA TYR A 181 38.91 -15.08 11.50
C TYR A 181 37.53 -15.05 10.86
N LEU A 182 37.08 -13.85 10.48
CA LEU A 182 35.78 -13.67 9.86
C LEU A 182 35.72 -14.44 8.54
N GLU A 183 36.82 -14.40 7.80
CA GLU A 183 36.91 -15.10 6.53
C GLU A 183 36.88 -16.61 6.76
N GLU A 184 37.54 -17.07 7.82
CA GLU A 184 37.56 -18.49 8.13
C GLU A 184 36.13 -18.97 8.42
N LEU A 185 35.40 -18.17 9.18
CA LEU A 185 34.02 -18.49 9.54
C LEU A 185 33.18 -18.64 8.27
N GLY A 186 33.52 -17.86 7.24
CA GLY A 186 32.79 -17.93 5.99
C GLY A 186 31.83 -16.78 5.75
N VAL A 187 31.91 -15.74 6.58
CA VAL A 187 31.05 -14.57 6.46
C VAL A 187 31.28 -13.87 5.11
N THR A 188 30.23 -13.28 4.55
CA THR A 188 30.32 -12.60 3.27
C THR A 188 30.02 -11.11 3.38
N ALA A 189 29.56 -10.67 4.54
CA ALA A 189 29.27 -9.27 4.73
C ALA A 189 29.26 -8.91 6.20
N LEU A 190 29.65 -7.67 6.50
CA LEU A 190 29.66 -7.24 7.87
C LEU A 190 28.70 -6.09 8.06
N TYR A 191 27.85 -6.21 9.08
CA TYR A 191 26.92 -5.14 9.41
C TYR A 191 27.49 -4.47 10.65
N PHE A 192 27.84 -3.20 10.52
CA PHE A 192 28.39 -2.41 11.62
C PHE A 192 27.34 -1.52 12.24
N THR A 193 27.28 -1.48 13.56
CA THR A 193 26.36 -0.54 14.21
C THR A 193 27.08 0.81 13.96
N PRO A 194 26.51 1.95 14.40
CA PRO A 194 27.17 3.25 14.15
C PRO A 194 28.68 3.38 14.40
N ILE A 195 29.38 3.97 13.43
CA ILE A 195 30.82 4.18 13.55
C ILE A 195 31.24 5.65 13.37
N PHE A 196 30.26 6.56 13.34
CA PHE A 196 30.57 7.98 13.17
C PHE A 196 30.76 8.64 14.54
N ALA A 197 31.41 9.82 14.53
CA ALA A 197 31.67 10.54 15.78
C ALA A 197 30.44 10.66 16.67
N SER A 198 30.61 10.19 17.90
CA SER A 198 29.56 10.21 18.91
C SER A 198 30.24 9.94 20.25
N PRO A 199 29.78 10.59 21.33
CA PRO A 199 30.36 10.41 22.66
C PRO A 199 30.02 9.11 23.39
N SER A 200 29.00 8.38 22.94
CA SER A 200 28.61 7.15 23.62
C SER A 200 29.35 5.92 23.09
N HIS A 201 29.13 4.78 23.73
CA HIS A 201 29.78 3.54 23.30
C HIS A 201 29.01 2.87 22.15
N HIS A 202 27.75 3.24 21.99
CA HIS A 202 26.90 2.68 20.94
C HIS A 202 26.88 3.62 19.75
N LYS A 203 27.02 4.91 20.04
CA LYS A 203 27.09 5.96 19.04
C LYS A 203 25.84 6.22 18.19
N TYR A 204 24.66 6.05 18.78
CA TYR A 204 23.41 6.31 18.08
C TYR A 204 23.03 7.78 18.24
N ASP A 205 23.83 8.51 19.04
CA ASP A 205 23.65 9.94 19.24
C ASP A 205 24.82 10.57 18.49
N THR A 206 24.61 10.78 17.20
CA THR A 206 25.59 11.30 16.26
C THR A 206 26.04 12.75 16.43
N ALA A 207 27.35 12.93 16.62
CA ALA A 207 27.93 14.25 16.76
C ALA A 207 28.37 14.77 15.40
N ASP A 208 28.90 13.87 14.57
CA ASP A 208 29.37 14.23 13.23
C ASP A 208 29.19 13.06 12.26
N TYR A 209 28.24 13.22 11.32
CA TYR A 209 27.95 12.17 10.34
C TYR A 209 29.03 11.98 9.29
N LEU A 210 29.88 12.99 9.12
CA LEU A 210 30.91 12.92 8.11
C LEU A 210 32.30 12.55 8.61
N ALA A 211 32.38 11.96 9.81
CA ALA A 211 33.66 11.56 10.34
C ALA A 211 33.64 10.27 11.16
N ILE A 212 34.65 9.43 10.96
CA ILE A 212 34.76 8.19 11.72
C ILE A 212 35.03 8.65 13.16
N ASP A 213 34.45 7.97 14.14
CA ASP A 213 34.70 8.36 15.52
C ASP A 213 36.18 8.10 15.84
N PRO A 214 36.85 9.07 16.49
CA PRO A 214 38.28 8.95 16.86
C PRO A 214 38.63 7.67 17.65
N GLN A 215 37.70 7.21 18.48
CA GLN A 215 37.92 5.99 19.26
C GLN A 215 37.99 4.78 18.33
N PHE A 216 37.34 4.90 17.17
CA PHE A 216 37.31 3.79 16.21
C PHE A 216 38.38 3.91 15.13
N GLY A 217 38.85 5.12 14.87
CA GLY A 217 39.87 5.30 13.85
C GLY A 217 39.71 6.60 13.08
N ASP A 218 40.10 6.58 11.81
CA ASP A 218 39.97 7.74 10.94
C ASP A 218 39.56 7.26 9.55
N LEU A 219 39.35 8.19 8.63
CA LEU A 219 38.92 7.80 7.29
C LEU A 219 39.86 6.80 6.62
N PRO A 220 41.18 7.07 6.62
CA PRO A 220 42.11 6.14 5.99
C PRO A 220 41.98 4.72 6.55
N THR A 221 41.82 4.60 7.86
CA THR A 221 41.68 3.29 8.47
C THR A 221 40.39 2.63 7.99
N PHE A 222 39.32 3.43 7.88
CA PHE A 222 38.07 2.87 7.40
C PHE A 222 38.25 2.35 5.98
N ARG A 223 38.85 3.17 5.12
CA ARG A 223 39.09 2.79 3.72
C ARG A 223 39.90 1.50 3.62
N ARG A 224 40.90 1.37 4.48
CA ARG A 224 41.73 0.18 4.48
C ARG A 224 40.87 -1.03 4.87
N LEU A 225 40.00 -0.83 5.86
CA LEU A 225 39.09 -1.89 6.30
C LEU A 225 38.24 -2.35 5.13
N VAL A 226 37.62 -1.38 4.44
CA VAL A 226 36.79 -1.67 3.30
C VAL A 226 37.56 -2.50 2.27
N ASP A 227 38.77 -2.05 1.92
CA ASP A 227 39.59 -2.77 0.94
C ASP A 227 40.02 -4.16 1.40
N GLU A 228 40.43 -4.30 2.65
CA GLU A 228 40.87 -5.61 3.16
C GLU A 228 39.72 -6.61 3.25
N ALA A 229 38.54 -6.11 3.60
CA ALA A 229 37.37 -6.96 3.70
C ALA A 229 36.96 -7.37 2.29
N HIS A 230 36.90 -6.41 1.39
CA HIS A 230 36.51 -6.67 0.01
C HIS A 230 37.38 -7.73 -0.68
N ARG A 231 38.69 -7.64 -0.52
CA ARG A 231 39.58 -8.61 -1.15
C ARG A 231 39.45 -9.98 -0.52
N ARG A 232 38.77 -10.05 0.61
CA ARG A 232 38.55 -11.33 1.29
C ARG A 232 37.10 -11.78 1.06
N GLY A 233 36.44 -11.15 0.08
CA GLY A 233 35.07 -11.49 -0.27
C GLY A 233 34.04 -11.09 0.77
N ILE A 234 34.31 -10.00 1.48
CA ILE A 234 33.43 -9.54 2.53
C ILE A 234 32.96 -8.12 2.26
N LYS A 235 31.64 -7.94 2.17
CA LYS A 235 31.08 -6.63 1.91
C LYS A 235 30.87 -5.85 3.20
N ILE A 236 30.58 -4.56 3.05
CA ILE A 236 30.42 -3.65 4.18
C ILE A 236 29.07 -2.94 4.22
N ILE A 237 28.37 -3.06 5.35
CA ILE A 237 27.07 -2.42 5.52
C ILE A 237 27.14 -1.49 6.72
N LEU A 238 26.77 -0.22 6.53
CA LEU A 238 26.81 0.75 7.60
C LEU A 238 25.43 1.05 8.17
N ASP A 239 25.44 1.53 9.41
CA ASP A 239 24.22 1.87 10.12
C ASP A 239 23.93 3.34 9.88
N ALA A 240 22.79 3.63 9.27
CA ALA A 240 22.38 5.00 9.00
C ALA A 240 21.40 5.45 10.07
N VAL A 241 21.80 6.41 10.89
CA VAL A 241 20.93 6.91 11.96
C VAL A 241 20.30 8.22 11.49
N PHE A 242 19.30 8.12 10.61
CA PHE A 242 18.65 9.29 10.05
C PHE A 242 17.38 9.76 10.76
N ASN A 243 16.86 8.98 11.69
CA ASN A 243 15.65 9.38 12.40
C ASN A 243 15.92 10.46 13.44
N HIS A 244 17.11 10.43 14.03
CA HIS A 244 17.47 11.41 15.04
C HIS A 244 18.97 11.66 15.04
N ALA A 245 19.35 12.84 15.50
CA ALA A 245 20.75 13.23 15.56
C ALA A 245 21.18 13.20 17.02
N GLY A 246 22.47 13.43 17.26
CA GLY A 246 22.98 13.48 18.62
C GLY A 246 22.88 14.92 19.07
N ASP A 247 22.82 15.18 20.37
CA ASP A 247 22.71 16.56 20.81
C ASP A 247 23.98 17.37 20.61
N GLN A 248 25.00 16.75 20.02
CA GLN A 248 26.26 17.45 19.74
C GLN A 248 26.39 17.69 18.23
N PHE A 249 25.35 17.29 17.51
CA PHE A 249 25.26 17.49 16.06
C PHE A 249 25.37 19.00 15.86
N PHE A 250 26.19 19.43 14.89
CA PHE A 250 26.39 20.85 14.66
C PHE A 250 25.09 21.66 14.58
N ALA A 251 24.11 21.18 13.83
CA ALA A 251 22.84 21.87 13.70
C ALA A 251 22.13 22.04 15.04
N PHE A 252 22.12 20.99 15.86
CA PHE A 252 21.46 21.07 17.14
C PHE A 252 22.22 22.01 18.09
N ARG A 253 23.55 21.96 18.03
CA ARG A 253 24.36 22.83 18.87
C ARG A 253 23.99 24.27 18.54
N ASP A 254 23.81 24.54 17.25
CA ASP A 254 23.44 25.87 16.80
C ASP A 254 22.12 26.27 17.43
N VAL A 255 21.13 25.38 17.37
CA VAL A 255 19.84 25.67 17.96
C VAL A 255 19.97 25.89 19.46
N LEU A 256 20.84 25.12 20.11
CA LEU A 256 21.04 25.29 21.55
C LEU A 256 21.61 26.67 21.87
N GLN A 257 22.46 27.18 20.99
CA GLN A 257 23.09 28.48 21.21
C GLN A 257 22.26 29.68 20.74
N LYS A 258 21.66 29.57 19.55
CA LYS A 258 20.88 30.69 19.01
C LYS A 258 19.37 30.60 19.19
N GLY A 259 18.87 29.44 19.59
CA GLY A 259 17.43 29.28 19.80
C GLY A 259 16.60 29.64 18.58
N GLU A 260 15.55 30.43 18.81
CA GLU A 260 14.66 30.85 17.72
C GLU A 260 15.40 31.55 16.59
N GLN A 261 16.60 32.05 16.90
CA GLN A 261 17.42 32.72 15.91
C GLN A 261 18.17 31.73 15.02
N SER A 262 18.27 30.49 15.49
CA SER A 262 18.97 29.45 14.74
C SER A 262 18.33 29.15 13.38
N ARG A 263 19.16 29.09 12.36
CA ARG A 263 18.72 28.81 11.00
C ARG A 263 18.41 27.33 10.83
N TYR A 264 18.61 26.55 11.90
CA TYR A 264 18.35 25.12 11.87
C TYR A 264 17.24 24.69 12.83
N LYS A 265 16.50 25.65 13.35
CA LYS A 265 15.44 25.31 14.30
C LYS A 265 14.36 24.39 13.72
N ASP A 266 14.13 24.47 12.41
CA ASP A 266 13.11 23.63 11.77
C ASP A 266 13.65 22.26 11.35
N TRP A 267 14.92 22.01 11.67
CA TRP A 267 15.53 20.73 11.37
C TRP A 267 15.11 19.74 12.45
N PHE A 268 14.53 20.26 13.52
CA PHE A 268 14.09 19.45 14.63
C PHE A 268 12.64 19.76 15.03
N PHE A 269 12.20 19.18 16.13
CA PHE A 269 10.84 19.37 16.63
C PHE A 269 10.92 20.06 18.00
N ILE A 270 11.16 21.37 18.01
CA ILE A 270 11.26 22.14 19.24
C ILE A 270 9.89 22.68 19.66
N GLU A 271 9.51 22.48 20.92
CA GLU A 271 8.22 22.95 21.38
C GLU A 271 8.28 24.38 21.92
N ASP A 272 9.41 24.74 22.52
CA ASP A 272 9.58 26.07 23.07
C ASP A 272 11.06 26.39 23.29
N PHE A 273 11.37 27.67 23.47
CA PHE A 273 12.73 28.13 23.69
C PHE A 273 12.87 28.84 25.04
N PRO A 274 14.05 28.77 25.66
CA PRO A 274 15.25 28.08 25.18
C PRO A 274 15.08 26.57 25.13
N VAL A 275 16.03 25.91 24.48
CA VAL A 275 16.00 24.47 24.31
C VAL A 275 16.69 23.65 25.41
N SER A 276 16.16 22.44 25.64
CA SER A 276 16.70 21.46 26.57
C SER A 276 16.65 21.69 28.09
N LYS A 277 17.79 21.46 28.75
CA LYS A 277 17.94 21.60 30.21
C LYS A 277 17.55 20.36 31.02
N THR A 278 18.51 19.42 31.06
CA THR A 278 18.35 18.17 31.80
C THR A 278 17.53 17.14 31.03
N SER A 279 17.00 16.15 31.75
CA SER A 279 16.21 15.09 31.13
C SER A 279 14.83 15.58 30.76
N ARG A 280 14.47 16.78 31.23
CA ARG A 280 13.17 17.34 30.91
C ARG A 280 13.35 18.06 29.58
N THR A 281 13.33 17.29 28.49
CA THR A 281 13.49 17.85 27.16
C THR A 281 12.22 18.55 26.67
N ASN A 282 12.40 19.66 25.97
CA ASN A 282 11.27 20.40 25.41
C ASN A 282 11.35 20.33 23.89
N TYR A 283 11.85 19.19 23.42
CA TYR A 283 11.99 18.91 22.00
C TYR A 283 11.79 17.41 21.84
N GLU A 284 11.22 17.00 20.71
CA GLU A 284 10.98 15.58 20.48
C GLU A 284 12.29 14.82 20.29
N THR A 285 12.35 13.63 20.86
CA THR A 285 13.54 12.80 20.76
C THR A 285 13.16 11.37 20.44
N PHE A 286 14.18 10.55 20.23
CA PHE A 286 13.95 9.14 20.00
C PHE A 286 13.30 8.65 21.29
N ALA A 287 12.39 7.70 21.19
CA ALA A 287 11.73 7.16 22.38
C ALA A 287 11.14 8.27 23.25
N VAL A 288 11.33 8.15 24.57
CA VAL A 288 10.79 9.12 25.52
C VAL A 288 11.89 9.78 26.37
N GLN A 289 11.91 11.11 26.35
CA GLN A 289 12.87 11.87 27.14
C GLN A 289 14.32 11.36 27.02
N VAL A 290 14.83 11.32 25.79
CA VAL A 290 16.21 10.90 25.56
C VAL A 290 16.91 12.15 25.01
N PRO A 291 17.32 13.06 25.92
CA PRO A 291 17.99 14.32 25.58
C PRO A 291 19.13 14.25 24.57
N ALA A 292 19.85 13.15 24.53
CA ALA A 292 20.96 13.04 23.59
C ALA A 292 20.52 12.73 22.15
N MET A 293 19.24 12.47 21.95
CA MET A 293 18.77 12.12 20.62
C MET A 293 17.60 12.91 20.07
N PRO A 294 17.83 14.17 19.68
CA PRO A 294 16.76 14.99 19.12
C PRO A 294 16.32 14.45 17.76
N LYS A 295 15.02 14.26 17.58
CA LYS A 295 14.51 13.73 16.32
C LYS A 295 14.75 14.72 15.18
N LEU A 296 15.09 14.19 14.01
CA LEU A 296 15.35 15.01 12.83
C LEU A 296 14.07 15.10 11.99
N ARG A 297 13.79 16.30 11.49
CA ARG A 297 12.61 16.50 10.67
C ARG A 297 12.98 16.18 9.23
N THR A 298 13.05 14.88 8.92
CA THR A 298 13.41 14.43 7.59
C THR A 298 12.43 14.89 6.51
N GLU A 299 11.27 15.40 6.93
CA GLU A 299 10.27 15.89 5.98
C GLU A 299 10.75 17.24 5.44
N ASN A 300 11.65 17.88 6.18
CA ASN A 300 12.23 19.18 5.79
C ASN A 300 13.22 18.91 4.65
N PRO A 301 12.99 19.49 3.46
CA PRO A 301 13.91 19.25 2.35
C PRO A 301 15.39 19.53 2.63
N GLU A 302 15.67 20.48 3.53
CA GLU A 302 17.07 20.79 3.87
C GLU A 302 17.65 19.63 4.66
N VAL A 303 16.88 19.08 5.59
CA VAL A 303 17.34 17.94 6.38
C VAL A 303 17.58 16.77 5.46
N LYS A 304 16.66 16.55 4.52
CA LYS A 304 16.78 15.44 3.58
C LYS A 304 18.02 15.54 2.69
N GLU A 305 18.31 16.72 2.19
CA GLU A 305 19.48 16.87 1.32
C GLU A 305 20.77 16.64 2.11
N TYR A 306 20.79 17.11 3.35
CA TYR A 306 21.98 16.91 4.18
C TYR A 306 22.22 15.42 4.33
N LEU A 307 21.23 14.70 4.83
CA LEU A 307 21.37 13.25 5.02
C LEU A 307 21.69 12.51 3.72
N PHE A 308 21.08 12.93 2.62
CA PHE A 308 21.37 12.29 1.34
C PHE A 308 22.84 12.56 1.00
N ASP A 309 23.31 13.75 1.34
CA ASP A 309 24.71 14.09 1.11
C ASP A 309 25.56 13.17 1.99
N VAL A 310 25.14 12.95 3.23
CA VAL A 310 25.88 12.06 4.13
C VAL A 310 26.01 10.68 3.48
N ALA A 311 24.91 10.18 2.92
CA ALA A 311 24.91 8.87 2.27
C ALA A 311 25.82 8.82 1.04
N ARG A 312 25.80 9.89 0.26
CA ARG A 312 26.66 9.96 -0.93
C ARG A 312 28.13 9.85 -0.53
N PHE A 313 28.49 10.57 0.53
CA PHE A 313 29.87 10.58 1.01
C PHE A 313 30.40 9.20 1.39
N TRP A 314 29.65 8.48 2.21
CA TRP A 314 30.10 7.15 2.62
C TRP A 314 30.09 6.13 1.49
N MET A 315 29.16 6.28 0.55
CA MET A 315 29.11 5.35 -0.58
C MET A 315 30.32 5.59 -1.48
N GLU A 316 30.86 6.81 -1.45
CA GLU A 316 32.05 7.10 -2.24
C GLU A 316 33.25 6.35 -1.61
N GLN A 317 33.12 5.98 -0.34
CA GLN A 317 34.20 5.25 0.33
C GLN A 317 34.16 3.75 0.01
N GLY A 318 33.22 3.35 -0.84
CA GLY A 318 33.12 1.96 -1.24
C GLY A 318 32.23 0.98 -0.48
N ILE A 319 31.39 1.46 0.42
CA ILE A 319 30.52 0.54 1.16
C ILE A 319 29.50 -0.14 0.25
N ASP A 320 28.84 -1.18 0.78
CA ASP A 320 27.89 -1.95 -0.02
C ASP A 320 26.43 -1.87 0.37
N GLY A 321 26.09 -1.02 1.33
CA GLY A 321 24.70 -0.93 1.71
C GLY A 321 24.45 -0.25 3.02
N TRP A 322 23.17 -0.19 3.41
CA TRP A 322 22.77 0.45 4.63
C TRP A 322 21.77 -0.34 5.47
N ARG A 323 21.83 -0.11 6.78
CA ARG A 323 20.93 -0.69 7.75
C ARG A 323 20.31 0.58 8.32
N LEU A 324 19.02 0.75 8.10
CA LEU A 324 18.32 1.97 8.53
C LEU A 324 17.73 1.93 9.93
N ASN A 325 18.37 2.67 10.85
CA ASN A 325 17.97 2.74 12.25
C ASN A 325 16.61 3.39 12.40
N VAL A 326 15.71 2.74 13.16
CA VAL A 326 14.35 3.25 13.41
C VAL A 326 13.72 3.73 12.11
N ALA A 327 13.92 2.96 11.05
CA ALA A 327 13.42 3.33 9.73
C ALA A 327 11.92 3.62 9.65
N ASN A 328 11.14 3.00 10.52
CA ASN A 328 9.69 3.23 10.48
C ASN A 328 9.23 4.57 11.04
N GLU A 329 10.16 5.38 11.55
CA GLU A 329 9.77 6.68 12.08
C GLU A 329 10.24 7.83 11.20
N VAL A 330 10.80 7.47 10.05
CA VAL A 330 11.25 8.41 9.02
C VAL A 330 10.17 8.25 7.94
N ASP A 331 9.80 9.35 7.25
CA ASP A 331 8.75 9.29 6.24
C ASP A 331 9.00 8.46 4.99
N HIS A 332 7.93 7.95 4.39
CA HIS A 332 8.03 7.13 3.19
C HIS A 332 8.62 7.83 1.97
N ALA A 333 8.31 9.11 1.78
CA ALA A 333 8.86 9.84 0.63
C ALA A 333 10.40 9.85 0.75
N PHE A 334 10.89 10.17 1.94
CA PHE A 334 12.32 10.19 2.18
C PHE A 334 12.92 8.87 1.72
N TRP A 335 12.28 7.77 2.12
CA TRP A 335 12.77 6.43 1.76
C TRP A 335 12.67 6.09 0.26
N ARG A 336 11.62 6.57 -0.41
CA ARG A 336 11.48 6.29 -1.84
C ARG A 336 12.58 7.02 -2.60
N GLU A 337 12.84 8.26 -2.21
CA GLU A 337 13.86 9.05 -2.87
C GLU A 337 15.25 8.53 -2.51
N PHE A 338 15.40 8.08 -1.26
CA PHE A 338 16.66 7.52 -0.80
C PHE A 338 17.01 6.31 -1.66
N ARG A 339 16.05 5.42 -1.88
CA ARG A 339 16.30 4.24 -2.70
C ARG A 339 16.78 4.63 -4.10
N ARG A 340 16.12 5.60 -4.72
CA ARG A 340 16.52 6.03 -6.07
C ARG A 340 17.93 6.60 -6.07
N LEU A 341 18.25 7.39 -5.05
CA LEU A 341 19.58 7.97 -4.92
C LEU A 341 20.58 6.84 -4.81
N VAL A 342 20.37 5.98 -3.81
CA VAL A 342 21.26 4.85 -3.57
C VAL A 342 21.48 3.96 -4.77
N LYS A 343 20.38 3.51 -5.39
CA LYS A 343 20.48 2.63 -6.54
C LYS A 343 21.11 3.32 -7.76
N SER A 344 20.93 4.63 -7.90
CA SER A 344 21.53 5.33 -9.03
C SER A 344 23.04 5.35 -8.80
N LEU A 345 23.43 5.47 -7.54
CA LEU A 345 24.85 5.52 -7.15
C LEU A 345 25.52 4.14 -7.23
N ASN A 346 24.80 3.11 -6.79
CA ASN A 346 25.32 1.74 -6.80
C ASN A 346 24.10 0.83 -6.88
N PRO A 347 23.83 0.26 -8.06
CA PRO A 347 22.69 -0.63 -8.26
C PRO A 347 22.68 -1.84 -7.33
N ASP A 348 23.86 -2.26 -6.88
CA ASP A 348 23.96 -3.42 -5.99
C ASP A 348 24.10 -3.09 -4.51
N ALA A 349 23.91 -1.83 -4.14
CA ALA A 349 23.99 -1.44 -2.74
C ALA A 349 22.70 -1.91 -2.08
N LEU A 350 22.84 -2.64 -0.97
CA LEU A 350 21.69 -3.18 -0.26
C LEU A 350 21.08 -2.20 0.75
N ILE A 351 19.75 -2.17 0.81
CA ILE A 351 19.05 -1.31 1.76
C ILE A 351 18.18 -2.15 2.71
N VAL A 352 18.58 -2.18 3.97
CA VAL A 352 17.88 -2.96 4.99
C VAL A 352 17.34 -2.06 6.08
N GLY A 353 16.01 -2.07 6.24
CA GLY A 353 15.41 -1.24 7.26
C GLY A 353 15.34 -1.94 8.60
N GLU A 354 15.46 -1.19 9.69
CA GLU A 354 15.36 -1.79 11.02
C GLU A 354 13.96 -1.54 11.55
N ILE A 355 13.09 -2.52 11.37
CA ILE A 355 11.71 -2.45 11.80
C ILE A 355 11.40 -3.77 12.49
N TRP A 356 10.85 -3.70 13.70
CA TRP A 356 10.57 -4.89 14.50
C TRP A 356 9.22 -5.57 14.28
N HIS A 357 8.28 -4.87 13.65
CA HIS A 357 6.94 -5.42 13.42
C HIS A 357 6.71 -5.64 11.92
N ASP A 358 5.46 -5.89 11.55
CA ASP A 358 5.08 -6.12 10.16
C ASP A 358 5.60 -4.94 9.34
N ALA A 359 6.53 -5.19 8.43
CA ALA A 359 7.13 -4.12 7.61
C ALA A 359 6.66 -4.11 6.16
N SER A 360 5.50 -4.70 5.88
CA SER A 360 4.97 -4.77 4.52
C SER A 360 4.90 -3.41 3.84
N GLY A 361 4.59 -2.37 4.61
CA GLY A 361 4.49 -1.02 4.06
C GLY A 361 5.77 -0.48 3.46
N TRP A 362 6.91 -1.05 3.83
CA TRP A 362 8.21 -0.63 3.33
C TRP A 362 8.83 -1.67 2.40
N LEU A 363 8.12 -2.79 2.22
CA LEU A 363 8.66 -3.86 1.39
C LEU A 363 7.90 -4.21 0.12
N MET A 364 7.38 -3.20 -0.58
CA MET A 364 6.67 -3.48 -1.82
C MET A 364 7.57 -3.29 -3.04
N GLY A 365 8.80 -2.84 -2.81
CA GLY A 365 9.75 -2.65 -3.90
C GLY A 365 10.26 -1.24 -4.15
N ASP A 366 9.59 -0.23 -3.62
CA ASP A 366 10.04 1.13 -3.86
C ASP A 366 10.78 1.77 -2.68
N GLN A 367 11.10 0.98 -1.67
CA GLN A 367 11.80 1.50 -0.51
C GLN A 367 12.96 0.62 -0.06
N PHE A 368 12.73 -0.36 0.82
CA PHE A 368 13.82 -1.22 1.28
C PHE A 368 13.89 -2.52 0.53
N ASP A 369 15.06 -3.15 0.54
CA ASP A 369 15.22 -4.45 -0.10
C ASP A 369 14.87 -5.52 0.93
N SER A 370 15.06 -5.18 2.20
CA SER A 370 14.85 -6.13 3.28
C SER A 370 14.74 -5.41 4.62
N VAL A 371 14.55 -6.19 5.69
CA VAL A 371 14.49 -5.63 7.03
C VAL A 371 15.09 -6.64 8.01
N MET A 372 15.46 -6.17 9.20
CA MET A 372 15.96 -7.08 10.23
C MET A 372 14.67 -7.79 10.61
N ASN A 373 14.62 -9.08 10.29
CA ASN A 373 13.42 -9.87 10.53
C ASN A 373 13.16 -10.32 11.96
N TYR A 374 12.70 -9.38 12.79
CA TYR A 374 12.40 -9.71 14.17
C TYR A 374 11.21 -10.66 14.32
N LEU A 375 10.39 -10.78 13.27
CA LEU A 375 9.25 -11.69 13.33
C LEU A 375 9.82 -13.11 13.33
N PHE A 376 10.86 -13.33 12.54
CA PHE A 376 11.53 -14.61 12.46
C PHE A 376 12.12 -14.95 13.83
N ARG A 377 12.75 -13.96 14.47
CA ARG A 377 13.35 -14.18 15.78
C ARG A 377 12.32 -14.61 16.82
N GLU A 378 11.16 -13.96 16.83
CA GLU A 378 10.11 -14.28 17.79
C GLU A 378 9.68 -15.75 17.66
N SER A 379 9.48 -16.20 16.42
CA SER A 379 9.09 -17.58 16.18
C SER A 379 10.18 -18.52 16.65
N VAL A 380 11.41 -18.19 16.31
CA VAL A 380 12.57 -19.00 16.69
C VAL A 380 12.74 -19.05 18.20
N ILE A 381 12.48 -17.93 18.87
CA ILE A 381 12.59 -17.87 20.33
C ILE A 381 11.54 -18.79 20.95
N ARG A 382 10.29 -18.60 20.57
CA ARG A 382 9.18 -19.38 21.11
C ARG A 382 9.33 -20.89 20.89
N PHE A 383 9.81 -21.30 19.72
CA PHE A 383 9.96 -22.71 19.42
C PHE A 383 11.23 -23.39 19.97
N PHE A 384 12.40 -22.85 19.64
CA PHE A 384 13.65 -23.44 20.10
C PHE A 384 14.13 -23.04 21.50
N ALA A 385 13.91 -21.80 21.88
CA ALA A 385 14.38 -21.31 23.17
C ALA A 385 13.50 -21.52 24.39
N THR A 386 12.29 -20.97 24.37
CA THR A 386 11.38 -21.10 25.50
C THR A 386 10.43 -22.30 25.41
N GLY A 387 10.29 -22.85 24.21
CA GLY A 387 9.40 -23.99 24.04
C GLY A 387 7.95 -23.59 24.23
N GLU A 388 7.65 -22.30 24.08
CA GLU A 388 6.29 -21.81 24.24
C GLU A 388 5.33 -22.33 23.16
N ILE A 389 5.87 -22.71 22.00
CA ILE A 389 5.04 -23.23 20.92
C ILE A 389 5.60 -24.53 20.38
N HIS A 390 4.72 -25.37 19.85
CA HIS A 390 5.13 -26.66 19.30
C HIS A 390 5.37 -26.54 17.80
N ALA A 391 5.90 -27.60 17.22
CA ALA A 391 6.24 -27.65 15.80
C ALA A 391 5.15 -27.17 14.83
N GLU A 392 3.89 -27.47 15.11
CA GLU A 392 2.81 -27.07 14.22
C GLU A 392 2.50 -25.58 14.24
N ARG A 393 2.59 -24.95 15.41
CA ARG A 393 2.35 -23.51 15.46
C ARG A 393 3.56 -22.79 14.88
N PHE A 394 4.73 -23.41 15.05
CA PHE A 394 5.98 -22.85 14.52
C PHE A 394 5.81 -22.76 12.99
N ASP A 395 5.40 -23.87 12.40
CA ASP A 395 5.18 -23.96 10.97
C ASP A 395 4.16 -22.92 10.51
N ALA A 396 3.12 -22.74 11.30
CA ALA A 396 2.07 -21.79 11.00
C ALA A 396 2.57 -20.35 11.04
N GLU A 397 3.29 -20.00 12.10
CA GLU A 397 3.82 -18.64 12.24
C GLU A 397 4.73 -18.32 11.06
N LEU A 398 5.60 -19.26 10.71
CA LEU A 398 6.53 -19.11 9.59
C LEU A 398 5.79 -18.86 8.28
N THR A 399 4.81 -19.71 7.99
CA THR A 399 4.03 -19.60 6.75
C THR A 399 3.28 -18.28 6.68
N ARG A 400 2.66 -17.91 7.79
CA ARG A 400 1.90 -16.67 7.87
C ARG A 400 2.84 -15.47 7.60
N ALA A 401 4.03 -15.52 8.20
CA ALA A 401 5.01 -14.45 8.03
C ALA A 401 5.48 -14.38 6.58
N ARG A 402 5.70 -15.56 5.99
CA ARG A 402 6.14 -15.67 4.61
C ARG A 402 5.15 -15.02 3.62
N MET A 403 3.86 -15.14 3.90
CA MET A 403 2.82 -14.58 3.04
C MET A 403 2.62 -13.09 3.22
N LEU A 404 3.26 -12.53 4.23
CA LEU A 404 3.13 -11.11 4.52
C LEU A 404 3.77 -10.20 3.46
N TYR A 405 4.85 -10.68 2.84
CA TYR A 405 5.59 -9.87 1.85
C TYR A 405 5.80 -10.55 0.50
N PRO A 406 6.09 -9.74 -0.53
CA PRO A 406 6.33 -10.30 -1.86
C PRO A 406 7.55 -11.21 -1.70
N GLU A 407 7.69 -12.18 -2.60
CA GLU A 407 8.80 -13.12 -2.56
C GLU A 407 10.19 -12.47 -2.65
N GLN A 408 10.28 -11.33 -3.34
CA GLN A 408 11.57 -10.65 -3.47
C GLN A 408 12.09 -10.21 -2.10
N ALA A 409 11.19 -9.77 -1.24
CA ALA A 409 11.58 -9.35 0.10
C ALA A 409 11.90 -10.56 0.98
N ALA A 410 10.98 -11.52 1.02
CA ALA A 410 11.16 -12.72 1.83
C ALA A 410 12.50 -13.43 1.60
N GLN A 411 12.88 -13.57 0.33
CA GLN A 411 14.11 -14.25 -0.04
C GLN A 411 15.38 -13.68 0.62
N GLY A 412 15.36 -12.40 0.98
CA GLY A 412 16.54 -11.78 1.57
C GLY A 412 16.36 -11.14 2.94
N LEU A 413 15.30 -11.52 3.64
CA LEU A 413 15.04 -11.00 4.97
C LEU A 413 16.23 -11.34 5.87
N TRP A 414 16.65 -10.42 6.72
CA TRP A 414 17.77 -10.66 7.62
C TRP A 414 17.30 -11.43 8.85
N ASN A 415 17.50 -12.74 8.83
CA ASN A 415 17.06 -13.61 9.92
C ASN A 415 18.06 -13.68 11.07
N LEU A 416 17.74 -12.96 12.13
CA LEU A 416 18.61 -12.90 13.30
C LEU A 416 18.02 -13.67 14.47
N LEU A 417 18.90 -14.11 15.38
CA LEU A 417 18.49 -14.83 16.58
C LEU A 417 18.44 -13.83 17.71
N ASP A 418 19.25 -12.79 17.59
CA ASP A 418 19.35 -11.78 18.63
C ASP A 418 20.06 -10.56 18.05
N SER A 419 20.27 -9.54 18.87
CA SER A 419 20.95 -8.32 18.44
C SER A 419 21.55 -7.60 19.65
N HIS A 420 22.15 -6.44 19.42
CA HIS A 420 22.74 -5.66 20.50
C HIS A 420 21.64 -5.04 21.35
N ASP A 421 20.39 -5.33 21.02
CA ASP A 421 19.25 -4.79 21.77
C ASP A 421 18.44 -5.87 22.48
N THR A 422 18.89 -7.12 22.37
CA THR A 422 18.21 -8.24 23.01
C THR A 422 19.20 -9.07 23.83
N GLU A 423 18.67 -9.99 24.61
CA GLU A 423 19.51 -10.88 25.41
C GLU A 423 20.12 -11.81 24.36
N ARG A 424 21.25 -12.42 24.68
CA ARG A 424 21.90 -13.33 23.76
C ARG A 424 20.98 -14.54 23.59
N PHE A 425 21.02 -15.17 22.41
CA PHE A 425 20.15 -16.33 22.18
C PHE A 425 20.47 -17.52 23.09
N LEU A 426 21.75 -17.73 23.39
CA LEU A 426 22.14 -18.85 24.26
C LEU A 426 21.47 -18.68 25.61
N THR A 427 21.40 -17.43 26.07
CA THR A 427 20.76 -17.12 27.33
C THR A 427 19.25 -17.33 27.23
N SER A 428 18.70 -17.09 26.05
CA SER A 428 17.27 -17.30 25.82
C SER A 428 16.98 -18.79 26.00
N CYS A 429 17.94 -19.62 25.61
CA CYS A 429 17.83 -21.07 25.71
C CYS A 429 18.23 -21.56 27.10
N GLY A 430 18.37 -20.64 28.04
CA GLY A 430 18.76 -21.01 29.39
C GLY A 430 20.10 -21.73 29.45
N GLY A 431 21.00 -21.39 28.53
CA GLY A 431 22.31 -22.01 28.51
C GLY A 431 22.35 -23.37 27.85
N ASN A 432 21.23 -23.79 27.27
CA ASN A 432 21.19 -25.09 26.62
C ASN A 432 21.80 -25.01 25.22
N GLU A 433 22.98 -25.58 25.04
CA GLU A 433 23.66 -25.55 23.75
C GLU A 433 22.99 -26.42 22.68
N ALA A 434 22.33 -27.50 23.11
CA ALA A 434 21.65 -28.38 22.18
C ALA A 434 20.52 -27.63 21.48
N LYS A 435 19.75 -26.87 22.25
CA LYS A 435 18.65 -26.11 21.69
C LYS A 435 19.21 -24.98 20.82
N PHE A 436 20.29 -24.37 21.30
CA PHE A 436 20.94 -23.28 20.57
C PHE A 436 21.35 -23.75 19.18
N ARG A 437 22.09 -24.85 19.13
CA ARG A 437 22.57 -25.37 17.86
C ARG A 437 21.47 -25.70 16.86
N LEU A 438 20.36 -26.23 17.35
CA LEU A 438 19.27 -26.59 16.47
C LEU A 438 18.69 -25.32 15.83
N ALA A 439 18.60 -24.26 16.63
CA ALA A 439 18.10 -22.97 16.15
C ALA A 439 19.04 -22.45 15.05
N VAL A 440 20.34 -22.54 15.31
CA VAL A 440 21.34 -22.10 14.35
C VAL A 440 21.23 -22.94 13.09
N LEU A 441 21.01 -24.25 13.25
CA LEU A 441 20.89 -25.12 12.10
C LEU A 441 19.70 -24.65 11.27
N PHE A 442 18.63 -24.25 11.94
CA PHE A 442 17.43 -23.75 11.26
C PHE A 442 17.75 -22.44 10.56
N GLN A 443 18.38 -21.52 11.28
CA GLN A 443 18.76 -20.22 10.73
C GLN A 443 19.58 -20.36 9.45
N MET A 444 20.52 -21.28 9.45
CA MET A 444 21.39 -21.47 8.28
C MET A 444 20.77 -22.19 7.09
N THR A 445 19.56 -22.73 7.25
CA THR A 445 18.92 -23.45 6.15
C THR A 445 17.57 -22.90 5.72
N TYR A 446 17.01 -22.00 6.52
CA TYR A 446 15.70 -21.44 6.20
C TYR A 446 15.76 -20.34 5.14
N LEU A 447 14.59 -20.00 4.60
CA LEU A 447 14.49 -18.97 3.58
C LEU A 447 14.85 -17.60 4.15
N GLY A 448 15.84 -16.96 3.54
CA GLY A 448 16.25 -15.65 4.03
C GLY A 448 17.75 -15.53 4.21
N THR A 449 18.18 -14.39 4.72
CA THR A 449 19.61 -14.14 4.93
C THR A 449 19.99 -14.23 6.41
N PRO A 450 20.87 -15.19 6.75
CA PRO A 450 21.31 -15.37 8.14
C PRO A 450 22.15 -14.20 8.66
N LEU A 451 21.81 -13.70 9.84
CA LEU A 451 22.56 -12.63 10.47
C LEU A 451 23.11 -13.16 11.79
N ILE A 452 24.43 -13.16 11.91
CA ILE A 452 25.11 -13.65 13.11
C ILE A 452 25.56 -12.50 14.01
N TYR A 453 25.20 -12.57 15.28
CA TYR A 453 25.58 -11.56 16.24
C TYR A 453 26.96 -11.95 16.80
N TYR A 454 27.94 -11.06 16.63
CA TYR A 454 29.33 -11.31 17.06
C TYR A 454 29.42 -12.05 18.39
N GLY A 455 30.23 -13.10 18.43
CA GLY A 455 30.40 -13.84 19.67
C GLY A 455 29.51 -15.06 19.83
N ASP A 456 28.33 -15.04 19.22
CA ASP A 456 27.42 -16.18 19.32
C ASP A 456 28.09 -17.43 18.77
N GLU A 457 28.90 -17.27 17.72
CA GLU A 457 29.56 -18.41 17.11
C GLU A 457 30.60 -19.08 18.01
N ILE A 458 31.02 -18.40 19.07
CA ILE A 458 31.98 -19.04 19.98
C ILE A 458 31.45 -19.21 21.40
N GLY A 459 30.13 -19.20 21.53
CA GLY A 459 29.50 -19.43 22.81
C GLY A 459 29.24 -18.31 23.80
N MET A 460 29.26 -17.06 23.36
CA MET A 460 29.02 -15.97 24.29
C MET A 460 27.57 -15.96 24.77
N ALA A 461 27.39 -15.49 25.99
CA ALA A 461 26.07 -15.41 26.62
C ALA A 461 25.86 -13.99 27.14
N GLY A 462 24.69 -13.72 27.69
CA GLY A 462 24.43 -12.40 28.23
C GLY A 462 22.97 -11.98 28.23
N ALA A 463 22.62 -11.14 29.19
CA ALA A 463 21.27 -10.63 29.30
C ALA A 463 21.10 -9.53 28.23
N THR A 464 19.99 -8.82 28.26
CA THR A 464 19.77 -7.78 27.28
C THR A 464 20.63 -6.53 27.54
N ASP A 465 20.64 -5.63 26.57
CA ASP A 465 21.40 -4.39 26.64
C ASP A 465 21.42 -3.83 28.07
N PRO A 466 22.62 -3.52 28.61
CA PRO A 466 23.96 -3.63 28.04
C PRO A 466 24.72 -4.95 28.15
N ASP A 467 24.16 -5.94 28.83
CA ASP A 467 24.90 -7.19 29.00
C ASP A 467 25.13 -8.02 27.75
N CYS A 468 24.39 -7.74 26.69
CA CYS A 468 24.55 -8.48 25.45
C CYS A 468 25.72 -7.91 24.63
N ARG A 469 26.31 -6.83 25.14
CA ARG A 469 27.43 -6.16 24.47
C ARG A 469 28.75 -6.38 25.21
N ARG A 470 29.00 -7.62 25.60
CA ARG A 470 30.24 -7.95 26.30
C ARG A 470 31.40 -7.98 25.32
N PRO A 471 32.61 -7.64 25.79
CA PRO A 471 33.76 -7.66 24.88
C PRO A 471 33.93 -9.07 24.32
N MET A 472 34.20 -9.16 23.03
CA MET A 472 34.37 -10.44 22.35
C MET A 472 35.39 -11.34 23.06
N ILE A 473 35.18 -12.65 22.95
CA ILE A 473 36.08 -13.62 23.57
C ILE A 473 37.03 -14.12 22.50
N TRP A 474 38.30 -13.80 22.63
CA TRP A 474 39.30 -14.21 21.66
C TRP A 474 40.22 -15.33 22.12
N GLU A 475 40.36 -15.51 23.43
CA GLU A 475 41.21 -16.58 23.94
C GLU A 475 40.60 -17.93 23.58
N GLU A 476 41.29 -18.67 22.73
CA GLU A 476 40.82 -19.97 22.25
C GLU A 476 40.31 -20.88 23.35
N LYS A 477 40.99 -20.87 24.50
CA LYS A 477 40.59 -21.70 25.62
C LYS A 477 39.26 -21.29 26.22
N GLU A 478 38.85 -20.05 25.98
CA GLU A 478 37.57 -19.59 26.51
C GLU A 478 36.50 -19.62 25.42
N GLN A 479 36.90 -20.06 24.23
CA GLN A 479 35.98 -20.13 23.10
C GLN A 479 35.38 -21.53 22.92
N ASN A 480 34.12 -21.58 22.48
CA ASN A 480 33.48 -22.86 22.22
C ASN A 480 33.85 -23.15 20.77
N ARG A 481 35.01 -23.78 20.57
CA ARG A 481 35.49 -24.08 19.23
C ARG A 481 34.63 -25.14 18.53
N GLY A 482 33.93 -25.95 19.31
CA GLY A 482 33.07 -26.96 18.71
C GLY A 482 31.92 -26.25 18.00
N LEU A 483 31.40 -25.21 18.63
CA LEU A 483 30.30 -24.43 18.07
C LEU A 483 30.83 -23.75 16.80
N PHE A 484 31.99 -23.13 16.92
CA PHE A 484 32.60 -22.42 15.81
C PHE A 484 32.71 -23.32 14.58
N GLU A 485 33.16 -24.55 14.78
CA GLU A 485 33.29 -25.49 13.67
C GLU A 485 31.92 -25.88 13.12
N PHE A 486 30.92 -25.92 13.99
CA PHE A 486 29.56 -26.24 13.59
C PHE A 486 29.08 -25.12 12.65
N TYR A 487 29.25 -23.88 13.08
CA TYR A 487 28.87 -22.73 12.27
C TYR A 487 29.53 -22.80 10.90
N LYS A 488 30.83 -23.08 10.90
CA LYS A 488 31.59 -23.16 9.66
C LYS A 488 31.01 -24.16 8.68
N GLU A 489 30.68 -25.36 9.17
CA GLU A 489 30.12 -26.38 8.28
C GLU A 489 28.77 -25.96 7.72
N LEU A 490 27.90 -25.40 8.56
CA LEU A 490 26.58 -24.97 8.09
C LEU A 490 26.71 -23.87 7.05
N ILE A 491 27.65 -22.94 7.29
CA ILE A 491 27.86 -21.84 6.37
C ILE A 491 28.38 -22.37 5.04
N ARG A 492 29.31 -23.33 5.09
CA ARG A 492 29.84 -23.91 3.86
C ARG A 492 28.70 -24.59 3.10
N LEU A 493 27.89 -25.36 3.83
CA LEU A 493 26.78 -26.06 3.20
C LEU A 493 25.85 -25.08 2.51
N ARG A 494 25.53 -23.99 3.19
CA ARG A 494 24.64 -23.00 2.59
C ARG A 494 25.21 -22.46 1.29
N HIS A 495 26.53 -22.26 1.24
CA HIS A 495 27.18 -21.76 0.04
C HIS A 495 27.21 -22.82 -1.07
N ARG A 496 27.22 -24.09 -0.68
CA ARG A 496 27.28 -25.19 -1.65
C ARG A 496 25.95 -25.66 -2.23
N LEU A 497 24.89 -25.52 -1.45
CA LEU A 497 23.57 -25.94 -1.88
C LEU A 497 22.74 -24.76 -2.36
N ALA A 498 22.62 -24.63 -3.69
CA ALA A 498 21.88 -23.54 -4.32
C ALA A 498 20.48 -23.36 -3.77
N SER A 499 19.80 -24.46 -3.44
CA SER A 499 18.45 -24.36 -2.92
C SER A 499 18.38 -23.61 -1.58
N LEU A 500 19.46 -23.69 -0.80
CA LEU A 500 19.47 -23.02 0.50
C LEU A 500 19.53 -21.50 0.40
N THR A 501 19.99 -21.00 -0.74
CA THR A 501 20.07 -19.56 -0.93
C THR A 501 19.08 -19.02 -1.94
N ARG A 502 18.87 -19.76 -3.03
CA ARG A 502 17.96 -19.30 -4.08
C ARG A 502 16.66 -20.10 -4.19
N GLY A 503 16.55 -21.20 -3.45
CA GLY A 503 15.35 -22.01 -3.52
C GLY A 503 14.17 -21.44 -2.75
N ASN A 504 12.99 -21.98 -3.03
CA ASN A 504 11.79 -21.55 -2.32
C ASN A 504 11.71 -22.42 -1.07
N VAL A 505 10.63 -22.29 -0.30
CA VAL A 505 10.48 -23.11 0.89
C VAL A 505 9.05 -23.58 0.98
N ARG A 506 8.88 -24.83 1.42
CA ARG A 506 7.57 -25.44 1.59
C ARG A 506 7.61 -26.36 2.80
N SER A 507 6.52 -26.39 3.56
CA SER A 507 6.43 -27.24 4.72
C SER A 507 6.54 -28.69 4.27
N TRP A 508 7.25 -29.49 5.06
CA TRP A 508 7.42 -30.90 4.73
C TRP A 508 6.64 -31.68 5.78
N HIS A 509 6.98 -31.48 7.05
CA HIS A 509 6.28 -32.18 8.11
C HIS A 509 6.35 -31.42 9.43
N ALA A 510 5.25 -31.45 10.17
CA ALA A 510 5.17 -30.79 11.47
C ALA A 510 4.26 -31.61 12.38
N ASP A 511 4.81 -32.07 13.50
CA ASP A 511 4.06 -32.88 14.46
C ASP A 511 4.29 -32.41 15.90
N LYS A 512 3.25 -31.83 16.50
CA LYS A 512 3.35 -31.32 17.87
C LYS A 512 3.77 -32.40 18.86
N GLN A 513 3.24 -33.61 18.70
CA GLN A 513 3.56 -34.70 19.60
C GLN A 513 5.06 -34.94 19.72
N ALA A 514 5.70 -35.22 18.59
CA ALA A 514 7.14 -35.47 18.58
C ALA A 514 7.90 -34.15 18.49
N ASN A 515 7.16 -33.06 18.27
CA ASN A 515 7.74 -31.73 18.12
C ASN A 515 8.81 -31.75 17.04
N LEU A 516 8.50 -32.47 15.96
CA LEU A 516 9.42 -32.59 14.84
C LEU A 516 8.95 -31.63 13.76
N TYR A 517 9.88 -30.82 13.25
CA TYR A 517 9.56 -29.86 12.19
C TYR A 517 10.49 -30.06 11.01
N ALA A 518 9.91 -30.08 9.82
CA ALA A 518 10.69 -30.27 8.61
C ALA A 518 10.15 -29.45 7.45
N PHE A 519 11.06 -28.96 6.61
CA PHE A 519 10.69 -28.19 5.43
C PHE A 519 11.63 -28.56 4.28
N VAL A 520 11.27 -28.15 3.08
CA VAL A 520 12.09 -28.45 1.91
C VAL A 520 12.40 -27.17 1.12
N ARG A 521 13.65 -27.06 0.68
CA ARG A 521 14.08 -25.93 -0.13
C ARG A 521 14.23 -26.49 -1.53
N THR A 522 13.71 -25.79 -2.54
CA THR A 522 13.81 -26.28 -3.91
C THR A 522 14.17 -25.22 -4.94
N VAL A 523 15.08 -25.59 -5.84
CA VAL A 523 15.48 -24.72 -6.93
C VAL A 523 15.82 -25.67 -8.08
N GLN A 524 15.15 -25.51 -9.21
CA GLN A 524 15.39 -26.39 -10.34
C GLN A 524 15.11 -27.83 -9.90
N ASP A 525 16.08 -28.72 -10.15
CA ASP A 525 15.92 -30.12 -9.77
C ASP A 525 16.51 -30.43 -8.40
N GLN A 526 17.05 -29.43 -7.72
CA GLN A 526 17.63 -29.67 -6.41
C GLN A 526 16.62 -29.50 -5.29
N HIS A 527 16.54 -30.52 -4.43
CA HIS A 527 15.65 -30.51 -3.29
C HIS A 527 16.46 -30.81 -2.03
N VAL A 528 16.32 -29.96 -1.02
CA VAL A 528 17.01 -30.18 0.23
C VAL A 528 16.00 -30.14 1.37
N GLY A 529 15.79 -31.30 1.98
CA GLY A 529 14.84 -31.40 3.09
C GLY A 529 15.54 -31.28 4.43
N VAL A 530 15.03 -30.39 5.27
CA VAL A 530 15.60 -30.16 6.59
C VAL A 530 14.67 -30.70 7.67
N VAL A 531 15.17 -31.64 8.47
CA VAL A 531 14.38 -32.25 9.54
C VAL A 531 14.97 -31.91 10.90
N LEU A 532 14.17 -31.27 11.75
CA LEU A 532 14.61 -30.86 13.07
C LEU A 532 13.88 -31.60 14.19
N ASN A 533 14.62 -32.35 15.00
CA ASN A 533 14.03 -33.07 16.11
C ASN A 533 14.15 -32.20 17.35
N ASN A 534 13.20 -31.29 17.52
CA ASN A 534 13.20 -30.36 18.63
C ASN A 534 12.65 -30.92 19.94
N ARG A 535 13.23 -32.02 20.38
CA ARG A 535 12.84 -32.66 21.63
C ARG A 535 14.10 -33.32 22.20
N GLY A 536 14.14 -33.46 23.52
CA GLY A 536 15.30 -34.05 24.16
C GLY A 536 15.33 -35.57 24.24
N GLU A 537 14.82 -36.23 23.22
CA GLU A 537 14.80 -37.68 23.21
C GLU A 537 15.02 -38.21 21.80
N LYS A 538 15.73 -39.33 21.70
CA LYS A 538 15.97 -39.95 20.39
C LYS A 538 14.62 -40.35 19.83
N GLN A 539 14.40 -40.10 18.55
CA GLN A 539 13.13 -40.45 17.92
C GLN A 539 13.30 -40.90 16.48
N THR A 540 12.35 -41.72 16.03
CA THR A 540 12.36 -42.21 14.67
C THR A 540 11.05 -41.77 14.03
N VAL A 541 11.09 -41.37 12.77
CA VAL A 541 9.90 -40.91 12.08
C VAL A 541 9.90 -41.30 10.61
N LEU A 542 8.72 -41.28 10.02
CA LEU A 542 8.55 -41.61 8.61
C LEU A 542 7.97 -40.40 7.90
N LEU A 543 8.61 -39.99 6.83
CA LEU A 543 8.14 -38.83 6.07
C LEU A 543 7.97 -39.18 4.61
N GLN A 544 6.92 -38.66 4.00
CA GLN A 544 6.69 -38.93 2.59
C GLN A 544 7.84 -38.30 1.83
N VAL A 545 8.37 -39.01 0.84
CA VAL A 545 9.46 -38.50 0.03
C VAL A 545 9.09 -37.11 -0.50
N PRO A 546 9.98 -36.11 -0.33
CA PRO A 546 9.72 -34.75 -0.81
C PRO A 546 9.21 -34.74 -2.24
N GLU A 547 8.08 -34.06 -2.44
CA GLU A 547 7.45 -33.96 -3.74
C GLU A 547 8.43 -33.77 -4.90
N SER A 548 8.41 -34.71 -5.84
CA SER A 548 9.27 -34.70 -7.02
C SER A 548 10.76 -34.45 -6.71
N GLY A 549 11.22 -34.97 -5.58
CA GLY A 549 12.60 -34.78 -5.20
C GLY A 549 13.51 -35.93 -5.60
N GLY A 550 12.94 -37.11 -5.79
CA GLY A 550 13.74 -38.27 -6.16
C GLY A 550 13.76 -39.26 -5.02
N LYS A 551 14.39 -40.41 -5.22
CA LYS A 551 14.42 -41.43 -4.17
C LYS A 551 15.76 -41.66 -3.45
N THR A 552 16.78 -40.88 -3.78
CA THR A 552 18.07 -41.04 -3.12
C THR A 552 18.43 -39.76 -2.38
N TRP A 553 18.59 -39.85 -1.06
CA TRP A 553 18.92 -38.67 -0.27
C TRP A 553 20.18 -38.86 0.57
N LEU A 554 20.86 -37.75 0.86
CA LEU A 554 22.09 -37.78 1.64
C LEU A 554 22.10 -36.69 2.71
N ASP A 555 22.38 -37.07 3.96
CA ASP A 555 22.44 -36.08 5.02
C ASP A 555 23.83 -35.48 4.92
N CYS A 556 23.91 -34.26 4.41
CA CYS A 556 25.20 -33.60 4.22
C CYS A 556 26.00 -33.37 5.50
N LEU A 557 25.34 -33.41 6.65
CA LEU A 557 26.03 -33.20 7.91
C LEU A 557 26.75 -34.46 8.42
N THR A 558 26.34 -35.64 7.95
CA THR A 558 26.96 -36.88 8.41
C THR A 558 27.44 -37.83 7.32
N GLY A 559 26.92 -37.67 6.10
CA GLY A 559 27.31 -38.55 5.02
C GLY A 559 26.40 -39.76 4.99
N GLU A 560 25.35 -39.73 5.81
CA GLU A 560 24.38 -40.83 5.87
C GLU A 560 23.45 -40.85 4.66
N GLU A 561 23.38 -42.00 4.03
CA GLU A 561 22.54 -42.21 2.85
C GLU A 561 21.16 -42.73 3.26
N VAL A 562 20.12 -42.18 2.64
CA VAL A 562 18.74 -42.58 2.90
C VAL A 562 18.05 -42.82 1.55
N HIS A 563 17.41 -43.97 1.40
CA HIS A 563 16.76 -44.30 0.15
C HIS A 563 15.25 -44.13 0.13
N GLY A 564 14.60 -44.43 1.24
CA GLY A 564 13.15 -44.28 1.27
C GLY A 564 12.44 -45.45 0.60
N LYS A 565 11.59 -46.11 1.37
CA LYS A 565 10.84 -47.25 0.87
C LYS A 565 9.37 -46.92 0.66
N GLN A 566 8.87 -47.21 -0.54
CA GLN A 566 7.48 -46.95 -0.87
C GLN A 566 7.10 -45.50 -0.64
N GLY A 567 7.86 -44.59 -1.25
CA GLY A 567 7.59 -43.17 -1.10
C GLY A 567 7.71 -42.63 0.31
N GLN A 568 8.59 -43.21 1.11
CA GLN A 568 8.78 -42.75 2.49
C GLN A 568 10.21 -42.88 2.99
N LEU A 569 10.60 -41.92 3.83
CA LEU A 569 11.93 -41.91 4.42
C LEU A 569 11.85 -42.20 5.92
N LYS A 570 12.61 -43.18 6.37
CA LYS A 570 12.65 -43.53 7.78
C LYS A 570 13.84 -42.80 8.38
N LEU A 571 13.56 -41.94 9.35
CA LEU A 571 14.60 -41.16 10.00
C LEU A 571 14.60 -41.36 11.53
N THR A 572 15.81 -41.53 12.04
CA THR A 572 16.06 -41.70 13.47
C THR A 572 16.93 -40.52 13.90
N LEU A 573 16.32 -39.62 14.65
CA LEU A 573 16.97 -38.41 15.11
C LEU A 573 17.32 -38.43 16.58
N ARG A 574 18.58 -38.13 16.88
CA ARG A 574 19.06 -38.07 18.25
C ARG A 574 18.42 -36.81 18.85
N PRO A 575 18.52 -36.64 20.17
CA PRO A 575 17.94 -35.47 20.83
C PRO A 575 18.43 -34.17 20.18
N TYR A 576 17.50 -33.29 19.84
CA TYR A 576 17.83 -32.00 19.22
C TYR A 576 18.73 -32.09 18.00
N GLN A 577 18.63 -33.20 17.26
CA GLN A 577 19.43 -33.37 16.05
C GLN A 577 18.67 -32.83 14.85
N GLY A 578 19.44 -32.40 13.83
CA GLY A 578 18.84 -31.89 12.62
C GLY A 578 19.54 -32.53 11.43
N MET A 579 18.78 -32.76 10.37
CA MET A 579 19.35 -33.36 9.17
C MET A 579 19.16 -32.43 7.98
N ILE A 580 20.14 -32.45 7.08
CA ILE A 580 20.12 -31.65 5.87
C ILE A 580 20.27 -32.62 4.72
N LEU A 581 19.13 -33.15 4.29
CA LEU A 581 19.00 -34.14 3.24
C LEU A 581 18.94 -33.58 1.82
N TRP A 582 20.03 -33.83 1.11
CA TRP A 582 20.17 -33.37 -0.26
C TRP A 582 19.78 -34.48 -1.22
N ASN A 583 18.91 -34.17 -2.18
CA ASN A 583 18.42 -35.15 -3.15
C ASN A 583 19.45 -35.51 -4.23
N GLY A 584 20.66 -34.97 -4.11
CA GLY A 584 21.71 -35.27 -5.07
C GLY A 584 21.70 -34.48 -6.36
N ARG A 585 20.76 -33.54 -6.53
CA ARG A 585 20.70 -32.74 -7.75
C ARG A 585 21.02 -31.26 -7.54
N MET B 1 -17.25 -17.20 17.62
CA MET B 1 -16.98 -16.33 16.44
C MET B 1 -15.98 -16.95 15.48
N LEU B 2 -16.14 -16.59 14.21
CA LEU B 2 -15.30 -17.09 13.13
C LEU B 2 -14.05 -16.22 13.00
N LEU B 3 -12.96 -16.65 13.63
CA LEU B 3 -11.71 -15.89 13.60
C LEU B 3 -11.13 -15.75 12.19
N GLU B 4 -11.42 -16.70 11.31
CA GLU B 4 -10.93 -16.66 9.95
C GLU B 4 -11.57 -15.54 9.14
N ALA B 5 -12.62 -14.95 9.72
CA ALA B 5 -13.34 -13.87 9.05
C ALA B 5 -12.96 -12.50 9.59
N ILE B 6 -12.12 -12.46 10.62
CA ILE B 6 -11.73 -11.19 11.21
C ILE B 6 -10.53 -10.60 10.46
N PHE B 7 -10.58 -9.30 10.20
CA PHE B 7 -9.50 -8.66 9.46
C PHE B 7 -9.17 -7.24 9.89
N HIS B 8 -7.88 -6.93 9.81
CA HIS B 8 -7.34 -5.61 10.10
C HIS B 8 -5.89 -5.57 9.66
N GLU B 9 -5.43 -4.39 9.26
CA GLU B 9 -4.04 -4.20 8.87
C GLU B 9 -3.71 -2.77 9.26
N ALA B 10 -2.53 -2.58 9.85
CA ALA B 10 -2.07 -1.28 10.31
C ALA B 10 -1.68 -0.36 9.17
N LYS B 11 -2.52 -0.27 8.15
CA LYS B 11 -2.22 0.59 7.01
C LYS B 11 -3.39 0.65 6.04
N GLY B 12 -3.17 1.28 4.89
CA GLY B 12 -4.21 1.37 3.89
C GLY B 12 -5.46 2.05 4.40
N SER B 13 -6.61 1.42 4.16
CA SER B 13 -7.87 2.00 4.61
C SER B 13 -8.31 1.52 5.99
N TYR B 14 -7.57 0.59 6.59
CA TYR B 14 -7.95 0.10 7.92
C TYR B 14 -7.26 0.82 9.08
N ALA B 15 -6.20 1.55 8.75
CA ALA B 15 -5.47 2.34 9.76
C ALA B 15 -4.84 3.53 9.03
N TYR B 16 -5.30 4.73 9.36
CA TYR B 16 -4.76 5.93 8.74
C TYR B 16 -5.11 7.12 9.61
N PRO B 17 -4.27 8.18 9.57
CA PRO B 17 -4.55 9.36 10.38
C PRO B 17 -5.52 10.33 9.72
N ILE B 18 -6.23 11.10 10.55
CA ILE B 18 -7.15 12.10 10.06
C ILE B 18 -6.62 13.45 10.53
N SER B 19 -5.56 13.41 11.32
CA SER B 19 -4.88 14.59 11.83
C SER B 19 -3.50 14.11 12.23
N GLU B 20 -2.66 14.99 12.76
CA GLU B 20 -1.32 14.58 13.15
C GLU B 20 -1.28 13.80 14.46
N THR B 21 -2.38 13.83 15.22
CA THR B 21 -2.44 13.12 16.49
C THR B 21 -3.63 12.17 16.65
N GLN B 22 -4.38 11.94 15.57
CA GLN B 22 -5.53 11.05 15.62
C GLN B 22 -5.49 10.00 14.52
N LEU B 23 -5.67 8.74 14.91
CA LEU B 23 -5.65 7.63 13.97
C LEU B 23 -6.99 6.92 13.91
N ARG B 24 -7.50 6.74 12.70
CA ARG B 24 -8.77 6.05 12.49
C ARG B 24 -8.41 4.59 12.23
N VAL B 25 -9.05 3.66 12.92
CA VAL B 25 -8.78 2.25 12.71
C VAL B 25 -10.09 1.52 12.46
N ARG B 26 -10.04 0.55 11.57
CA ARG B 26 -11.21 -0.24 11.22
C ARG B 26 -10.93 -1.71 11.38
N LEU B 27 -11.96 -2.46 11.70
CA LEU B 27 -11.85 -3.90 11.86
C LEU B 27 -13.07 -4.57 11.25
N ARG B 28 -12.82 -5.66 10.54
CA ARG B 28 -13.88 -6.40 9.90
C ARG B 28 -14.04 -7.79 10.53
N ALA B 29 -15.29 -8.23 10.69
CA ALA B 29 -15.59 -9.52 11.27
C ALA B 29 -16.87 -10.07 10.64
N LYS B 30 -17.08 -11.37 10.76
CA LYS B 30 -18.29 -11.98 10.21
C LYS B 30 -19.49 -11.28 10.83
N LYS B 31 -20.44 -10.93 9.98
CA LYS B 31 -21.65 -10.24 10.41
C LYS B 31 -22.29 -10.93 11.60
N GLY B 32 -22.57 -10.15 12.65
CA GLY B 32 -23.20 -10.71 13.83
C GLY B 32 -22.29 -11.41 14.83
N ASP B 33 -21.05 -11.70 14.44
CA ASP B 33 -20.10 -12.39 15.33
C ASP B 33 -19.58 -11.53 16.48
N VAL B 34 -19.49 -10.23 16.24
CA VAL B 34 -18.98 -9.32 17.24
C VAL B 34 -19.98 -8.23 17.61
N VAL B 35 -20.32 -8.15 18.89
CA VAL B 35 -21.27 -7.13 19.36
C VAL B 35 -20.53 -5.95 20.00
N ARG B 36 -19.30 -6.18 20.43
CA ARG B 36 -18.51 -5.12 21.05
C ARG B 36 -17.06 -5.22 20.58
N CYS B 37 -16.54 -4.10 20.08
CA CYS B 37 -15.16 -4.03 19.60
C CYS B 37 -14.51 -2.85 20.30
N GLU B 38 -13.48 -3.14 21.08
CA GLU B 38 -12.79 -2.10 21.81
C GLU B 38 -11.30 -2.13 21.50
N VAL B 39 -10.70 -0.96 21.43
CA VAL B 39 -9.28 -0.86 21.15
C VAL B 39 -8.52 -0.40 22.38
N LEU B 40 -7.48 -1.13 22.73
CA LEU B 40 -6.65 -0.80 23.89
C LEU B 40 -5.33 -0.38 23.26
N TYR B 41 -4.91 0.85 23.53
CA TYR B 41 -3.69 1.36 22.91
C TYR B 41 -2.79 2.21 23.80
N ALA B 42 -1.60 2.50 23.30
CA ALA B 42 -0.64 3.33 24.02
C ALA B 42 0.51 3.72 23.13
N ASP B 43 1.35 4.62 23.63
CA ASP B 43 2.53 5.05 22.90
C ASP B 43 3.37 3.81 22.64
N ARG B 44 4.08 3.79 21.51
CA ARG B 44 4.90 2.65 21.17
C ARG B 44 6.09 2.41 22.10
N TYR B 45 6.37 3.37 22.97
CA TYR B 45 7.48 3.24 23.91
C TYR B 45 7.02 3.24 25.36
N ALA B 46 5.72 3.12 25.56
CA ALA B 46 5.17 3.09 26.90
C ALA B 46 5.71 1.90 27.68
N SER B 47 5.86 2.09 28.98
CA SER B 47 6.37 1.05 29.87
C SER B 47 5.39 -0.12 29.99
N PRO B 48 5.89 -1.31 30.33
CA PRO B 48 5.04 -2.50 30.49
C PRO B 48 4.00 -2.35 31.59
N GLU B 49 4.27 -1.50 32.57
CA GLU B 49 3.32 -1.30 33.67
C GLU B 49 2.43 -0.08 33.48
N GLU B 50 2.46 0.52 32.30
CA GLU B 50 1.61 1.68 32.04
C GLU B 50 0.23 1.19 31.62
N GLU B 51 -0.80 1.94 32.02
CA GLU B 51 -2.18 1.58 31.70
C GLU B 51 -2.47 1.90 30.23
N LEU B 52 -3.21 1.02 29.57
CA LEU B 52 -3.56 1.22 28.17
C LEU B 52 -4.76 2.15 28.07
N ALA B 53 -4.77 3.01 27.05
CA ALA B 53 -5.89 3.91 26.84
C ALA B 53 -6.98 3.05 26.18
N HIS B 54 -8.23 3.47 26.30
CA HIS B 54 -9.35 2.72 25.73
C HIS B 54 -10.14 3.54 24.70
N ALA B 55 -10.56 2.88 23.62
CA ALA B 55 -11.35 3.52 22.58
C ALA B 55 -12.36 2.50 22.04
N LEU B 56 -13.65 2.78 22.23
CA LEU B 56 -14.70 1.88 21.77
C LEU B 56 -15.02 2.11 20.29
N ALA B 57 -14.96 1.05 19.50
CA ALA B 57 -15.24 1.14 18.07
C ALA B 57 -16.70 0.83 17.76
N GLY B 58 -17.44 1.83 17.27
CA GLY B 58 -18.84 1.62 16.93
C GLY B 58 -18.97 0.91 15.59
N LYS B 59 -20.10 0.26 15.36
CA LYS B 59 -20.32 -0.44 14.10
C LYS B 59 -20.53 0.63 13.04
N ALA B 60 -19.60 0.71 12.08
CA ALA B 60 -19.70 1.72 11.03
C ALA B 60 -20.44 1.24 9.77
N GLY B 61 -20.75 -0.05 9.73
CA GLY B 61 -21.46 -0.57 8.57
C GLY B 61 -21.45 -2.08 8.53
N SER B 62 -22.23 -2.62 7.60
CA SER B 62 -22.33 -4.06 7.40
C SER B 62 -22.65 -4.27 5.94
N ASP B 63 -22.11 -5.32 5.36
CA ASP B 63 -22.43 -5.63 3.97
C ASP B 63 -23.08 -7.01 4.03
N GLU B 64 -22.99 -7.79 2.97
CA GLU B 64 -23.63 -9.10 3.00
C GLU B 64 -23.02 -10.11 3.96
N ARG B 65 -21.70 -10.07 4.14
CA ARG B 65 -21.03 -11.03 5.00
C ARG B 65 -20.32 -10.47 6.22
N PHE B 66 -20.05 -9.17 6.23
CA PHE B 66 -19.33 -8.58 7.35
C PHE B 66 -19.91 -7.39 8.06
N ASP B 67 -19.33 -7.13 9.23
CA ASP B 67 -19.65 -5.98 10.06
C ASP B 67 -18.34 -5.21 9.98
N TYR B 68 -18.38 -3.89 10.08
CA TYR B 68 -17.17 -3.08 10.04
C TYR B 68 -17.21 -2.17 11.28
N PHE B 69 -16.20 -2.28 12.12
CA PHE B 69 -16.13 -1.46 13.33
C PHE B 69 -15.08 -0.39 13.11
N GLU B 70 -15.30 0.76 13.72
CA GLU B 70 -14.40 1.89 13.54
C GLU B 70 -14.18 2.67 14.82
N ALA B 71 -12.94 3.02 15.10
CA ALA B 71 -12.61 3.77 16.30
C ALA B 71 -11.60 4.86 16.00
N LEU B 72 -11.52 5.83 16.91
CA LEU B 72 -10.57 6.93 16.78
C LEU B 72 -9.61 6.89 17.96
N LEU B 73 -8.32 6.77 17.65
CA LEU B 73 -7.29 6.72 18.68
C LEU B 73 -6.63 8.09 18.82
N GLU B 74 -6.54 8.59 20.05
CA GLU B 74 -5.91 9.87 20.32
C GLU B 74 -4.45 9.55 20.64
N CYS B 75 -3.55 9.90 19.71
CA CYS B 75 -2.13 9.62 19.86
C CYS B 75 -1.32 10.91 19.92
N SER B 76 -1.21 11.49 21.11
CA SER B 76 -0.47 12.73 21.27
C SER B 76 1.00 12.58 20.95
N THR B 77 1.52 11.36 21.00
CA THR B 77 2.93 11.12 20.71
C THR B 77 3.13 10.85 19.22
N LYS B 78 2.03 10.62 18.50
CA LYS B 78 2.08 10.34 17.07
C LYS B 78 2.66 8.96 16.79
N ARG B 79 2.74 8.15 17.84
CA ARG B 79 3.26 6.78 17.76
C ARG B 79 2.32 5.91 18.57
N VAL B 80 1.73 4.90 17.96
CA VAL B 80 0.79 4.07 18.69
C VAL B 80 0.89 2.56 18.44
N LYS B 81 0.68 1.80 19.50
CA LYS B 81 0.66 0.33 19.44
C LYS B 81 -0.72 0.01 20.00
N TYR B 82 -1.39 -1.00 19.47
CA TYR B 82 -2.73 -1.29 19.93
C TYR B 82 -3.21 -2.71 19.68
N VAL B 83 -4.19 -3.12 20.46
CA VAL B 83 -4.76 -4.46 20.34
C VAL B 83 -6.29 -4.35 20.43
N PHE B 84 -7.00 -5.24 19.76
CA PHE B 84 -8.47 -5.25 19.79
C PHE B 84 -8.99 -6.27 20.78
N LEU B 85 -10.08 -5.95 21.46
CA LEU B 85 -10.73 -6.84 22.41
C LEU B 85 -12.11 -7.08 21.78
N LEU B 86 -12.34 -8.28 21.26
CA LEU B 86 -13.60 -8.59 20.60
C LEU B 86 -14.55 -9.44 21.44
N THR B 87 -15.78 -8.96 21.61
CA THR B 87 -16.78 -9.67 22.40
C THR B 87 -17.95 -10.17 21.55
N GLY B 88 -18.27 -11.46 21.69
CA GLY B 88 -19.37 -12.06 20.94
C GLY B 88 -20.69 -11.97 21.67
N PRO B 89 -21.80 -12.43 21.04
CA PRO B 89 -23.16 -12.40 21.61
C PRO B 89 -23.29 -13.15 22.93
N GLN B 90 -22.59 -14.27 23.07
CA GLN B 90 -22.64 -15.07 24.29
C GLN B 90 -21.65 -14.55 25.34
N GLY B 91 -21.05 -13.40 25.06
CA GLY B 91 -20.10 -12.84 26.01
C GLY B 91 -18.69 -13.38 25.85
N GLU B 92 -18.48 -14.27 24.89
CA GLU B 92 -17.15 -14.81 24.67
C GLU B 92 -16.25 -13.67 24.20
N ALA B 93 -15.04 -13.58 24.75
CA ALA B 93 -14.13 -12.51 24.37
C ALA B 93 -12.77 -13.02 23.93
N VAL B 94 -12.08 -12.22 23.13
CA VAL B 94 -10.78 -12.57 22.63
C VAL B 94 -10.02 -11.32 22.22
N TYR B 95 -8.70 -11.35 22.34
CA TYR B 95 -7.88 -10.22 21.95
C TYR B 95 -7.33 -10.53 20.56
N PHE B 96 -7.18 -9.49 19.75
CA PHE B 96 -6.69 -9.62 18.39
C PHE B 96 -5.61 -8.57 18.15
N GLY B 97 -4.38 -9.04 17.93
CA GLY B 97 -3.25 -8.15 17.70
C GLY B 97 -2.41 -8.68 16.56
N GLU B 98 -1.26 -8.05 16.29
CA GLU B 98 -0.40 -8.49 15.19
C GLU B 98 0.01 -9.96 15.29
N THR B 99 0.29 -10.44 16.50
CA THR B 99 0.69 -11.83 16.67
C THR B 99 -0.43 -12.79 16.35
N GLY B 100 -1.65 -12.45 16.77
CA GLY B 100 -2.79 -13.31 16.51
C GLY B 100 -3.91 -13.12 17.50
N PHE B 101 -4.67 -14.17 17.74
CA PHE B 101 -5.78 -14.12 18.69
C PHE B 101 -5.41 -14.87 19.97
N SER B 102 -5.92 -14.38 21.10
CA SER B 102 -5.69 -15.03 22.38
C SER B 102 -6.56 -14.43 23.46
N ALA B 103 -6.87 -15.24 24.47
CA ALA B 103 -7.67 -14.79 25.59
C ALA B 103 -6.72 -13.97 26.47
N GLU B 104 -5.43 -14.22 26.32
CA GLU B 104 -4.42 -13.49 27.09
C GLU B 104 -3.88 -12.33 26.25
N ARG B 105 -4.21 -11.11 26.65
CA ARG B 105 -3.81 -9.91 25.92
C ARG B 105 -2.38 -9.89 25.38
N SER B 106 -1.41 -10.21 26.24
CA SER B 106 -0.01 -10.20 25.83
C SER B 106 0.28 -11.15 24.68
N LYS B 107 -0.45 -12.25 24.63
CA LYS B 107 -0.24 -13.24 23.59
C LYS B 107 -0.78 -12.85 22.21
N ALA B 108 -1.67 -11.87 22.19
CA ALA B 108 -2.24 -11.39 20.92
C ALA B 108 -1.27 -10.44 20.23
N GLY B 109 -0.36 -9.88 21.00
CA GLY B 109 0.59 -8.93 20.45
C GLY B 109 -0.09 -7.60 20.17
N VAL B 110 0.61 -6.68 19.54
CA VAL B 110 0.02 -5.38 19.23
C VAL B 110 0.31 -4.92 17.81
N PHE B 111 -0.71 -4.35 17.18
CA PHE B 111 -0.51 -3.80 15.85
C PHE B 111 0.24 -2.51 16.12
N GLN B 112 1.06 -2.06 15.19
CA GLN B 112 1.79 -0.83 15.41
C GLN B 112 1.70 0.13 14.23
N TYR B 113 1.34 1.37 14.51
CA TYR B 113 1.32 2.40 13.48
C TYR B 113 2.54 3.22 13.92
N ALA B 114 3.70 2.84 13.37
CA ALA B 114 4.99 3.44 13.70
C ALA B 114 5.04 4.93 13.99
N TYR B 115 4.65 5.76 13.02
CA TYR B 115 4.71 7.20 13.22
C TYR B 115 3.73 7.93 12.29
N ILE B 116 3.12 9.00 12.81
CA ILE B 116 2.18 9.81 12.03
C ILE B 116 2.87 11.08 11.57
N HIS B 117 3.30 11.09 10.31
CA HIS B 117 3.96 12.26 9.75
C HIS B 117 2.92 13.23 9.19
N ARG B 118 3.05 14.51 9.55
CA ARG B 118 2.12 15.52 9.07
C ARG B 118 2.02 15.44 7.55
N SER B 119 3.15 15.29 6.87
CA SER B 119 3.16 15.22 5.42
C SER B 119 2.40 14.01 4.87
N GLU B 120 2.08 13.04 5.73
CA GLU B 120 1.36 11.86 5.27
C GLU B 120 -0.14 11.83 5.61
N VAL B 121 -0.62 12.89 6.26
CA VAL B 121 -2.05 12.96 6.59
C VAL B 121 -2.79 13.37 5.30
N PHE B 122 -3.65 12.47 4.80
CA PHE B 122 -4.41 12.71 3.57
C PHE B 122 -5.18 14.03 3.68
N THR B 123 -4.87 14.98 2.80
CA THR B 123 -5.55 16.27 2.82
C THR B 123 -6.03 16.65 1.42
N THR B 124 -7.28 17.09 1.32
CA THR B 124 -7.88 17.48 0.03
C THR B 124 -8.37 18.92 0.04
N PRO B 125 -8.60 19.50 -1.15
CA PRO B 125 -9.07 20.90 -1.21
C PRO B 125 -10.40 21.06 -0.48
N GLU B 126 -10.49 22.07 0.37
CA GLU B 126 -11.70 22.31 1.14
C GLU B 126 -12.95 22.48 0.28
N TRP B 127 -12.81 23.14 -0.87
CA TRP B 127 -13.97 23.38 -1.73
C TRP B 127 -14.53 22.12 -2.40
N ALA B 128 -13.66 21.18 -2.74
CA ALA B 128 -14.07 19.95 -3.40
C ALA B 128 -15.10 19.14 -2.62
N LYS B 129 -15.17 19.33 -1.31
CA LYS B 129 -16.14 18.60 -0.49
C LYS B 129 -17.58 18.98 -0.80
N GLU B 130 -17.82 20.25 -1.08
CA GLU B 130 -19.19 20.67 -1.38
C GLU B 130 -19.40 21.11 -2.81
N ALA B 131 -18.69 20.47 -3.74
CA ALA B 131 -18.84 20.82 -5.14
C ALA B 131 -19.85 19.97 -5.90
N VAL B 132 -20.39 20.55 -6.96
CA VAL B 132 -21.31 19.88 -7.86
C VAL B 132 -20.64 20.08 -9.21
N ILE B 133 -20.15 18.99 -9.78
CA ILE B 133 -19.43 19.03 -11.04
C ILE B 133 -20.34 18.82 -12.26
N TYR B 134 -20.01 19.51 -13.35
CA TYR B 134 -20.76 19.40 -14.58
C TYR B 134 -19.75 19.06 -15.67
N GLN B 135 -19.92 17.92 -16.32
CA GLN B 135 -19.00 17.52 -17.37
C GLN B 135 -19.40 18.06 -18.73
N ILE B 136 -18.46 18.71 -19.38
CA ILE B 136 -18.68 19.28 -20.69
C ILE B 136 -17.76 18.65 -21.74
N PHE B 137 -18.38 18.11 -22.77
CA PHE B 137 -17.67 17.51 -23.90
C PHE B 137 -17.79 18.65 -24.92
N PRO B 138 -16.80 19.55 -24.94
CA PRO B 138 -16.73 20.73 -25.81
C PRO B 138 -17.30 20.68 -27.23
N GLU B 139 -16.90 19.69 -28.01
CA GLU B 139 -17.37 19.58 -29.39
C GLU B 139 -18.89 19.45 -29.49
N ARG B 140 -19.55 19.17 -28.37
CA ARG B 140 -21.00 18.99 -28.39
C ARG B 140 -21.81 19.82 -27.40
N PHE B 141 -21.19 20.76 -26.70
CA PHE B 141 -21.93 21.55 -25.73
C PHE B 141 -22.62 22.78 -26.32
N ALA B 142 -21.87 23.60 -27.04
CA ALA B 142 -22.44 24.79 -27.64
C ALA B 142 -21.53 25.39 -28.70
N ASN B 143 -22.10 25.64 -29.88
CA ASN B 143 -21.34 26.24 -30.97
C ASN B 143 -21.56 27.75 -30.87
N GLY B 144 -20.66 28.43 -30.17
CA GLY B 144 -20.80 29.86 -30.01
C GLY B 144 -20.18 30.65 -31.16
N ASP B 145 -19.34 29.99 -31.95
CA ASP B 145 -18.68 30.63 -33.07
C ASP B 145 -18.57 29.68 -34.25
N PRO B 146 -19.53 29.73 -35.18
CA PRO B 146 -19.49 28.84 -36.35
C PRO B 146 -18.33 29.11 -37.31
N SER B 147 -17.63 30.22 -37.13
CA SER B 147 -16.51 30.54 -38.02
C SER B 147 -15.30 29.63 -37.79
N ASN B 148 -15.26 28.93 -36.65
CA ASN B 148 -14.15 28.03 -36.37
C ASN B 148 -14.58 26.57 -36.53
N ASP B 149 -15.82 26.36 -36.93
CA ASP B 149 -16.34 25.01 -37.12
C ASP B 149 -15.49 24.22 -38.10
N PRO B 150 -15.29 22.93 -37.82
CA PRO B 150 -14.49 22.11 -38.73
C PRO B 150 -15.33 21.84 -39.96
N PRO B 151 -14.70 21.53 -41.10
CA PRO B 151 -15.47 21.25 -42.31
C PRO B 151 -16.32 20.00 -42.17
N GLY B 152 -17.50 20.02 -42.77
CA GLY B 152 -18.39 18.87 -42.72
C GLY B 152 -19.28 18.79 -41.49
N THR B 153 -19.40 19.89 -40.76
CA THR B 153 -20.23 19.92 -39.56
C THR B 153 -21.66 19.51 -39.88
N GLU B 154 -22.23 18.70 -39.00
CA GLU B 154 -23.61 18.24 -39.18
C GLU B 154 -24.58 19.15 -38.44
N GLN B 155 -25.87 18.93 -38.64
CA GLN B 155 -26.88 19.77 -38.03
C GLN B 155 -27.01 19.59 -36.51
N TRP B 156 -27.05 20.71 -35.81
CA TRP B 156 -27.18 20.71 -34.36
C TRP B 156 -28.66 20.53 -34.06
N ALA B 157 -29.11 19.29 -34.02
CA ALA B 157 -30.52 18.99 -33.76
C ALA B 157 -30.76 17.85 -32.78
N LYS B 158 -31.92 17.88 -32.15
CA LYS B 158 -32.32 16.86 -31.19
C LYS B 158 -32.30 15.47 -31.79
N ASP B 159 -32.51 15.39 -33.11
CA ASP B 159 -32.53 14.11 -33.80
C ASP B 159 -31.16 13.68 -34.29
N ALA B 160 -30.12 14.39 -33.89
CA ALA B 160 -28.77 14.06 -34.31
C ALA B 160 -28.35 12.69 -33.79
N ARG B 161 -27.67 11.92 -34.62
CA ARG B 161 -27.18 10.59 -34.26
C ARG B 161 -25.72 10.50 -34.68
N PRO B 162 -24.81 11.04 -33.84
CA PRO B 162 -23.36 11.07 -34.05
C PRO B 162 -22.68 9.79 -34.47
N ARG B 163 -21.67 9.94 -35.34
CA ARG B 163 -20.86 8.81 -35.80
C ARG B 163 -19.51 9.04 -35.11
N HIS B 164 -18.61 8.07 -35.20
CA HIS B 164 -17.31 8.20 -34.56
C HIS B 164 -16.50 9.37 -35.11
N ASP B 165 -16.85 9.85 -36.30
CA ASP B 165 -16.14 10.94 -36.94
C ASP B 165 -16.96 12.22 -37.16
N SER B 166 -18.12 12.32 -36.52
CA SER B 166 -18.96 13.50 -36.68
C SER B 166 -18.43 14.72 -35.93
N PHE B 167 -18.80 15.90 -36.42
CA PHE B 167 -18.43 17.18 -35.81
C PHE B 167 -19.70 18.03 -35.86
N TYR B 168 -19.90 18.85 -34.83
CA TYR B 168 -21.08 19.70 -34.78
C TYR B 168 -20.73 21.18 -34.54
N GLY B 169 -19.45 21.46 -34.24
CA GLY B 169 -19.03 22.84 -34.04
C GLY B 169 -18.93 23.38 -32.62
N GLY B 170 -19.05 22.52 -31.61
CA GLY B 170 -18.95 22.96 -30.23
C GLY B 170 -17.64 23.69 -29.97
N ASP B 171 -17.68 24.72 -29.14
CA ASP B 171 -16.46 25.48 -28.84
C ASP B 171 -16.51 26.16 -27.48
N LEU B 172 -15.40 26.80 -27.11
CA LEU B 172 -15.31 27.48 -25.82
C LEU B 172 -16.17 28.73 -25.70
N LYS B 173 -16.36 29.44 -26.80
CA LYS B 173 -17.19 30.64 -26.79
C LYS B 173 -18.61 30.20 -26.43
N GLY B 174 -19.00 29.03 -26.93
CA GLY B 174 -20.32 28.50 -26.63
C GLY B 174 -20.44 28.31 -25.13
N VAL B 175 -19.43 27.69 -24.51
CA VAL B 175 -19.45 27.47 -23.07
C VAL B 175 -19.65 28.80 -22.36
N ILE B 176 -18.87 29.80 -22.75
CA ILE B 176 -19.00 31.13 -22.15
C ILE B 176 -20.42 31.67 -22.24
N ASP B 177 -21.03 31.55 -23.42
CA ASP B 177 -22.39 32.05 -23.63
C ASP B 177 -23.42 31.33 -22.77
N ARG B 178 -23.14 30.08 -22.42
CA ARG B 178 -24.07 29.29 -21.63
C ARG B 178 -23.79 29.24 -20.13
N LEU B 179 -22.82 30.02 -19.66
CA LEU B 179 -22.50 30.05 -18.24
C LEU B 179 -23.72 30.43 -17.40
N PRO B 180 -24.52 31.42 -17.86
CA PRO B 180 -25.70 31.80 -17.07
C PRO B 180 -26.60 30.59 -16.78
N TYR B 181 -26.68 29.68 -17.75
CA TYR B 181 -27.48 28.47 -17.61
C TYR B 181 -26.86 27.59 -16.52
N LEU B 182 -25.56 27.33 -16.65
CA LEU B 182 -24.83 26.50 -15.70
C LEU B 182 -24.91 27.10 -14.30
N GLU B 183 -24.79 28.42 -14.21
CA GLU B 183 -24.87 29.12 -12.93
C GLU B 183 -26.25 28.94 -12.32
N GLU B 184 -27.29 29.02 -13.16
CA GLU B 184 -28.65 28.86 -12.69
C GLU B 184 -28.88 27.45 -12.18
N LEU B 185 -28.27 26.48 -12.85
CA LEU B 185 -28.39 25.07 -12.45
C LEU B 185 -27.81 24.89 -11.03
N GLY B 186 -26.75 25.64 -10.72
CA GLY B 186 -26.13 25.55 -9.41
C GLY B 186 -24.77 24.87 -9.43
N VAL B 187 -24.28 24.60 -10.63
CA VAL B 187 -22.98 23.96 -10.81
C VAL B 187 -21.86 24.83 -10.22
N THR B 188 -20.86 24.19 -9.62
CA THR B 188 -19.76 24.94 -9.01
C THR B 188 -18.41 24.60 -9.65
N ALA B 189 -18.41 23.63 -10.55
CA ALA B 189 -17.18 23.24 -11.23
C ALA B 189 -17.49 22.58 -12.55
N LEU B 190 -16.62 22.81 -13.52
CA LEU B 190 -16.78 22.21 -14.84
C LEU B 190 -15.60 21.33 -15.17
N TYR B 191 -15.88 20.09 -15.55
CA TYR B 191 -14.82 19.17 -15.94
C TYR B 191 -14.90 19.05 -17.46
N PHE B 192 -13.81 19.42 -18.13
CA PHE B 192 -13.76 19.38 -19.59
C PHE B 192 -12.99 18.18 -20.10
N THR B 193 -13.50 17.57 -21.16
CA THR B 193 -12.76 16.47 -21.79
C THR B 193 -11.68 17.26 -22.54
N PRO B 194 -10.70 16.59 -23.14
CA PRO B 194 -9.62 17.28 -23.87
C PRO B 194 -9.99 18.50 -24.72
N ILE B 195 -9.20 19.58 -24.60
CA ILE B 195 -9.43 20.80 -25.36
C ILE B 195 -8.18 21.28 -26.09
N PHE B 196 -7.11 20.50 -26.03
CA PHE B 196 -5.86 20.86 -26.69
C PHE B 196 -5.87 20.37 -28.14
N ALA B 197 -5.08 21.02 -28.98
CA ALA B 197 -4.99 20.69 -30.41
C ALA B 197 -5.00 19.20 -30.69
N SER B 198 -5.95 18.76 -31.50
CA SER B 198 -6.13 17.37 -31.89
C SER B 198 -7.11 17.30 -33.07
N PRO B 199 -6.85 16.40 -34.03
CA PRO B 199 -7.73 16.25 -35.20
C PRO B 199 -9.11 15.62 -34.98
N SER B 200 -9.28 14.83 -33.93
CA SER B 200 -10.55 14.16 -33.67
C SER B 200 -11.59 15.02 -32.95
N HIS B 201 -12.81 14.50 -32.83
CA HIS B 201 -13.87 15.22 -32.15
C HIS B 201 -13.75 15.09 -30.63
N HIS B 202 -13.11 14.01 -30.18
CA HIS B 202 -12.95 13.76 -28.74
C HIS B 202 -11.62 14.35 -28.23
N LYS B 203 -10.61 14.32 -29.11
CA LYS B 203 -9.29 14.87 -28.85
C LYS B 203 -8.41 14.20 -27.78
N TYR B 204 -8.53 12.88 -27.66
CA TYR B 204 -7.71 12.14 -26.71
C TYR B 204 -6.40 11.74 -27.36
N ASP B 205 -6.27 12.06 -28.64
CA ASP B 205 -5.05 11.81 -29.41
C ASP B 205 -4.47 13.20 -29.64
N THR B 206 -3.72 13.66 -28.64
CA THR B 206 -3.11 14.98 -28.61
C THR B 206 -2.00 15.27 -29.63
N ALA B 207 -2.21 16.34 -30.40
CA ALA B 207 -1.23 16.77 -31.40
C ALA B 207 -0.32 17.82 -30.75
N ASP B 208 -0.89 18.66 -29.91
CA ASP B 208 -0.12 19.72 -29.25
C ASP B 208 -0.71 20.05 -27.87
N TYR B 209 0.03 19.66 -26.82
CA TYR B 209 -0.42 19.90 -25.45
C TYR B 209 -0.42 21.34 -24.98
N LEU B 210 0.32 22.20 -25.66
CA LEU B 210 0.38 23.60 -25.25
C LEU B 210 -0.50 24.54 -26.06
N ALA B 211 -1.43 23.99 -26.83
CA ALA B 211 -2.30 24.83 -27.62
C ALA B 211 -3.77 24.44 -27.58
N ILE B 212 -4.63 25.43 -27.38
CA ILE B 212 -6.07 25.18 -27.38
C ILE B 212 -6.37 24.76 -28.82
N ASP B 213 -7.24 23.77 -29.00
CA ASP B 213 -7.55 23.34 -30.36
C ASP B 213 -8.22 24.49 -31.12
N PRO B 214 -7.76 24.75 -32.35
CA PRO B 214 -8.31 25.83 -33.19
C PRO B 214 -9.83 25.83 -33.32
N GLN B 215 -10.43 24.65 -33.48
CA GLN B 215 -11.89 24.60 -33.62
C GLN B 215 -12.60 24.94 -32.31
N PHE B 216 -11.86 24.92 -31.19
CA PHE B 216 -12.46 25.25 -29.90
C PHE B 216 -12.21 26.73 -29.55
N GLY B 217 -11.11 27.29 -30.06
CA GLY B 217 -10.79 28.67 -29.79
C GLY B 217 -9.30 28.94 -29.70
N ASP B 218 -8.91 29.83 -28.80
CA ASP B 218 -7.51 30.16 -28.60
C ASP B 218 -7.25 30.45 -27.13
N LEU B 219 -6.01 30.72 -26.77
CA LEU B 219 -5.70 30.99 -25.37
C LEU B 219 -6.47 32.17 -24.79
N PRO B 220 -6.56 33.28 -25.53
CA PRO B 220 -7.32 34.42 -24.98
C PRO B 220 -8.75 34.06 -24.65
N THR B 221 -9.37 33.23 -25.49
CA THR B 221 -10.74 32.81 -25.26
C THR B 221 -10.82 31.88 -24.04
N PHE B 222 -9.82 31.01 -23.90
CA PHE B 222 -9.80 30.09 -22.77
C PHE B 222 -9.67 30.89 -21.49
N ARG B 223 -8.76 31.86 -21.49
CA ARG B 223 -8.54 32.71 -20.33
C ARG B 223 -9.82 33.43 -19.96
N ARG B 224 -10.58 33.85 -20.96
CA ARG B 224 -11.83 34.55 -20.75
C ARG B 224 -12.85 33.61 -20.12
N LEU B 225 -12.85 32.37 -20.57
CA LEU B 225 -13.77 31.37 -20.05
C LEU B 225 -13.48 31.14 -18.56
N VAL B 226 -12.20 30.98 -18.23
CA VAL B 226 -11.77 30.77 -16.85
C VAL B 226 -12.24 31.91 -15.95
N ASP B 227 -12.06 33.14 -16.41
CA ASP B 227 -12.46 34.33 -15.65
C ASP B 227 -13.97 34.44 -15.49
N GLU B 228 -14.69 34.25 -16.59
CA GLU B 228 -16.14 34.36 -16.58
C GLU B 228 -16.76 33.29 -15.70
N ALA B 229 -16.18 32.09 -15.71
CA ALA B 229 -16.66 30.99 -14.89
C ALA B 229 -16.36 31.31 -13.43
N HIS B 230 -15.12 31.74 -13.16
CA HIS B 230 -14.73 32.05 -11.79
C HIS B 230 -15.59 33.11 -11.11
N ARG B 231 -15.85 34.23 -11.79
CA ARG B 231 -16.66 35.26 -11.15
C ARG B 231 -18.11 34.82 -10.97
N ARG B 232 -18.46 33.69 -11.60
CA ARG B 232 -19.81 33.14 -11.47
C ARG B 232 -19.77 31.97 -10.47
N GLY B 233 -18.65 31.85 -9.76
CA GLY B 233 -18.48 30.81 -8.77
C GLY B 233 -18.26 29.42 -9.32
N ILE B 234 -17.76 29.34 -10.55
CA ILE B 234 -17.54 28.05 -11.19
C ILE B 234 -16.06 27.78 -11.47
N LYS B 235 -15.58 26.63 -10.99
CA LYS B 235 -14.18 26.26 -11.18
C LYS B 235 -13.96 25.47 -12.46
N ILE B 236 -12.69 25.37 -12.86
CA ILE B 236 -12.32 24.70 -14.09
C ILE B 236 -11.40 23.49 -13.90
N ILE B 237 -11.83 22.34 -14.40
CA ILE B 237 -11.03 21.13 -14.31
C ILE B 237 -10.75 20.62 -15.72
N LEU B 238 -9.47 20.46 -16.06
CA LEU B 238 -9.10 20.00 -17.39
C LEU B 238 -8.68 18.54 -17.41
N ASP B 239 -8.84 17.93 -18.58
CA ASP B 239 -8.51 16.53 -18.81
C ASP B 239 -7.03 16.40 -19.19
N ALA B 240 -6.26 15.73 -18.35
CA ALA B 240 -4.84 15.52 -18.60
C ALA B 240 -4.67 14.14 -19.25
N VAL B 241 -4.20 14.15 -20.49
CA VAL B 241 -4.02 12.91 -21.24
C VAL B 241 -2.53 12.55 -21.25
N PHE B 242 -2.04 12.06 -20.10
CA PHE B 242 -0.62 11.73 -19.96
C PHE B 242 -0.22 10.28 -20.18
N ASN B 243 -1.18 9.39 -20.39
CA ASN B 243 -0.83 7.98 -20.61
C ASN B 243 -0.34 7.73 -22.04
N HIS B 244 -0.83 8.54 -22.97
CA HIS B 244 -0.45 8.39 -24.36
C HIS B 244 -0.65 9.71 -25.10
N ALA B 245 0.06 9.87 -26.21
CA ALA B 245 -0.05 11.07 -27.04
C ALA B 245 -0.78 10.73 -28.32
N GLY B 246 -0.96 11.73 -29.18
CA GLY B 246 -1.60 11.49 -30.46
C GLY B 246 -0.45 11.21 -31.42
N ASP B 247 -0.72 10.59 -32.56
CA ASP B 247 0.37 10.31 -33.49
C ASP B 247 0.85 11.59 -34.20
N GLN B 248 0.27 12.73 -33.86
CA GLN B 248 0.69 14.00 -34.44
C GLN B 248 1.55 14.79 -33.45
N PHE B 249 1.70 14.23 -32.25
CA PHE B 249 2.52 14.81 -31.20
C PHE B 249 3.91 14.97 -31.82
N PHE B 250 4.54 16.13 -31.63
CA PHE B 250 5.84 16.39 -32.24
C PHE B 250 6.89 15.32 -31.99
N ALA B 251 7.05 14.91 -30.73
CA ALA B 251 8.04 13.89 -30.40
C ALA B 251 7.80 12.61 -31.17
N PHE B 252 6.54 12.24 -31.34
CA PHE B 252 6.23 11.01 -32.06
C PHE B 252 6.48 11.14 -33.56
N ARG B 253 6.13 12.29 -34.13
CA ARG B 253 6.33 12.50 -35.56
C ARG B 253 7.82 12.39 -35.85
N ASP B 254 8.63 12.92 -34.94
CA ASP B 254 10.08 12.88 -35.08
C ASP B 254 10.52 11.42 -35.17
N VAL B 255 9.99 10.59 -34.27
CA VAL B 255 10.35 9.18 -34.26
C VAL B 255 9.84 8.54 -35.55
N LEU B 256 8.69 8.98 -36.02
CA LEU B 256 8.13 8.45 -37.26
C LEU B 256 9.06 8.78 -38.42
N GLN B 257 9.68 9.95 -38.36
CA GLN B 257 10.58 10.39 -39.41
C GLN B 257 12.03 9.93 -39.26
N LYS B 258 12.60 10.06 -38.07
CA LYS B 258 13.99 9.67 -37.85
C LYS B 258 14.17 8.24 -37.34
N GLY B 259 13.11 7.68 -36.77
CA GLY B 259 13.18 6.31 -36.26
C GLY B 259 14.24 6.10 -35.19
N GLU B 260 15.10 5.11 -35.40
CA GLU B 260 16.16 4.79 -34.45
C GLU B 260 17.11 5.96 -34.21
N GLN B 261 17.13 6.91 -35.14
CA GLN B 261 18.00 8.07 -35.02
C GLN B 261 17.29 9.21 -34.29
N SER B 262 16.03 8.99 -33.94
CA SER B 262 15.25 9.99 -33.23
C SER B 262 15.67 10.14 -31.78
N ARG B 263 15.79 11.38 -31.32
CA ARG B 263 16.19 11.67 -29.94
C ARG B 263 15.03 11.38 -28.98
N TYR B 264 13.85 11.09 -29.53
CA TYR B 264 12.66 10.82 -28.71
C TYR B 264 12.16 9.38 -28.75
N LYS B 265 12.89 8.49 -29.39
CA LYS B 265 12.45 7.09 -29.48
C LYS B 265 12.15 6.46 -28.12
N ASP B 266 12.91 6.82 -27.09
CA ASP B 266 12.69 6.25 -25.77
C ASP B 266 11.54 6.91 -25.01
N TRP B 267 10.84 7.82 -25.69
CA TRP B 267 9.70 8.50 -25.09
C TRP B 267 8.47 7.61 -25.29
N PHE B 268 8.62 6.58 -26.11
CA PHE B 268 7.52 5.67 -26.39
C PHE B 268 7.93 4.20 -26.25
N PHE B 269 7.04 3.32 -26.69
CA PHE B 269 7.28 1.88 -26.62
C PHE B 269 7.26 1.33 -28.03
N ILE B 270 8.36 1.54 -28.76
CA ILE B 270 8.47 1.07 -30.13
C ILE B 270 8.98 -0.36 -30.17
N GLU B 271 8.22 -1.24 -30.81
CA GLU B 271 8.59 -2.64 -30.92
C GLU B 271 9.71 -2.86 -31.93
N ASP B 272 9.64 -2.16 -33.06
CA ASP B 272 10.67 -2.26 -34.10
C ASP B 272 10.56 -1.14 -35.13
N PHE B 273 11.64 -0.91 -35.87
CA PHE B 273 11.69 0.15 -36.88
C PHE B 273 11.67 -0.42 -38.31
N PRO B 274 11.03 0.31 -39.25
CA PRO B 274 10.36 1.60 -39.09
C PRO B 274 9.19 1.56 -38.12
N VAL B 275 8.63 2.73 -37.83
CA VAL B 275 7.53 2.84 -36.89
C VAL B 275 6.17 2.27 -37.28
N SER B 276 5.91 2.06 -38.55
CA SER B 276 4.61 1.49 -38.93
C SER B 276 4.34 1.27 -40.42
N LYS B 277 3.20 0.65 -40.70
CA LYS B 277 2.74 0.34 -42.05
C LYS B 277 1.27 0.70 -42.18
N THR B 278 0.50 0.43 -41.12
CA THR B 278 -0.93 0.71 -41.11
C THR B 278 -1.46 0.63 -39.68
N SER B 279 -2.66 0.09 -39.50
CA SER B 279 -3.24 -0.04 -38.16
C SER B 279 -2.38 -1.06 -37.42
N ARG B 280 -1.71 -1.92 -38.19
CA ARG B 280 -0.83 -2.92 -37.62
C ARG B 280 0.34 -2.14 -37.03
N THR B 281 0.12 -1.60 -35.83
CA THR B 281 1.12 -0.81 -35.14
C THR B 281 2.18 -1.68 -34.48
N ASN B 282 3.44 -1.31 -34.66
CA ASN B 282 4.55 -2.03 -34.06
C ASN B 282 5.06 -1.19 -32.89
N TYR B 283 4.11 -0.53 -32.24
CA TYR B 283 4.39 0.31 -31.09
C TYR B 283 3.19 0.21 -30.15
N GLU B 284 3.44 0.23 -28.84
CA GLU B 284 2.37 0.13 -27.88
C GLU B 284 1.47 1.35 -27.92
N THR B 285 0.17 1.12 -27.89
CA THR B 285 -0.80 2.21 -27.93
C THR B 285 -1.83 2.04 -26.82
N PHE B 286 -2.71 3.02 -26.70
CA PHE B 286 -3.78 2.92 -25.72
C PHE B 286 -4.58 1.72 -26.21
N ALA B 287 -5.19 1.00 -25.29
CA ALA B 287 -5.99 -0.17 -25.65
C ALA B 287 -5.26 -1.12 -26.61
N VAL B 288 -5.97 -1.59 -27.63
CA VAL B 288 -5.39 -2.52 -28.60
C VAL B 288 -5.39 -1.96 -30.03
N GLN B 289 -4.21 -1.89 -30.63
CA GLN B 289 -4.06 -1.42 -32.00
C GLN B 289 -4.74 -0.07 -32.29
N VAL B 290 -4.45 0.94 -31.48
CA VAL B 290 -5.02 2.26 -31.69
C VAL B 290 -3.87 3.16 -32.18
N PRO B 291 -3.59 3.10 -33.50
CA PRO B 291 -2.52 3.87 -34.13
C PRO B 291 -2.42 5.34 -33.76
N ALA B 292 -3.55 5.98 -33.53
CA ALA B 292 -3.55 7.40 -33.19
C ALA B 292 -3.10 7.73 -31.77
N MET B 293 -2.93 6.71 -30.93
CA MET B 293 -2.55 6.97 -29.53
C MET B 293 -1.34 6.18 -29.01
N PRO B 294 -0.13 6.58 -29.42
CA PRO B 294 1.05 5.86 -28.93
C PRO B 294 1.24 6.12 -27.43
N LYS B 295 1.44 5.05 -26.67
CA LYS B 295 1.65 5.19 -25.23
C LYS B 295 2.93 5.97 -24.93
N LEU B 296 2.86 6.86 -23.95
CA LEU B 296 4.00 7.65 -23.52
C LEU B 296 4.72 6.94 -22.38
N ARG B 297 6.05 6.90 -22.43
CA ARG B 297 6.83 6.26 -21.39
C ARG B 297 7.07 7.27 -20.27
N THR B 298 6.04 7.47 -19.44
CA THR B 298 6.11 8.43 -18.34
C THR B 298 7.19 8.09 -17.30
N GLU B 299 7.78 6.90 -17.43
CA GLU B 299 8.84 6.48 -16.53
C GLU B 299 10.15 7.15 -16.95
N ASN B 300 10.18 7.67 -18.17
CA ASN B 300 11.35 8.35 -18.69
C ASN B 300 11.34 9.76 -18.11
N PRO B 301 12.42 10.15 -17.40
CA PRO B 301 12.46 11.48 -16.80
C PRO B 301 12.23 12.62 -17.80
N GLU B 302 12.61 12.41 -19.06
CA GLU B 302 12.41 13.44 -20.07
C GLU B 302 10.91 13.62 -20.34
N VAL B 303 10.19 12.50 -20.44
CA VAL B 303 8.76 12.54 -20.68
C VAL B 303 8.04 13.16 -19.49
N LYS B 304 8.44 12.75 -18.29
CA LYS B 304 7.84 13.28 -17.07
C LYS B 304 8.09 14.78 -16.98
N GLU B 305 9.29 15.19 -17.36
CA GLU B 305 9.65 16.61 -17.32
C GLU B 305 8.74 17.40 -18.26
N TYR B 306 8.57 16.88 -19.48
CA TYR B 306 7.73 17.54 -20.47
C TYR B 306 6.28 17.67 -20.00
N LEU B 307 5.68 16.55 -19.62
CA LEU B 307 4.29 16.58 -19.15
C LEU B 307 4.12 17.46 -17.92
N PHE B 308 5.10 17.47 -17.03
CA PHE B 308 5.01 18.31 -15.84
C PHE B 308 5.00 19.79 -16.27
N ASP B 309 5.75 20.11 -17.32
CA ASP B 309 5.80 21.49 -17.83
C ASP B 309 4.44 21.85 -18.41
N VAL B 310 3.85 20.90 -19.14
CA VAL B 310 2.53 21.08 -19.72
C VAL B 310 1.57 21.46 -18.58
N ALA B 311 1.65 20.70 -17.49
CA ALA B 311 0.80 20.95 -16.33
C ALA B 311 1.02 22.34 -15.76
N ARG B 312 2.29 22.73 -15.64
CA ARG B 312 2.63 24.05 -15.11
C ARG B 312 2.01 25.16 -15.97
N PHE B 313 2.14 25.03 -17.28
CA PHE B 313 1.60 26.03 -18.21
C PHE B 313 0.12 26.26 -18.02
N TRP B 314 -0.67 25.20 -18.03
CA TRP B 314 -2.11 25.36 -17.88
C TRP B 314 -2.53 25.87 -16.50
N MET B 315 -1.83 25.46 -15.46
CA MET B 315 -2.16 25.93 -14.13
C MET B 315 -1.87 27.42 -14.05
N GLU B 316 -0.92 27.87 -14.88
CA GLU B 316 -0.60 29.28 -14.92
C GLU B 316 -1.80 30.03 -15.50
N GLN B 317 -2.58 29.34 -16.34
CA GLN B 317 -3.77 29.95 -16.95
C GLN B 317 -4.93 30.08 -15.96
N GLY B 318 -4.72 29.60 -14.73
CA GLY B 318 -5.74 29.71 -13.70
C GLY B 318 -6.72 28.58 -13.48
N ILE B 319 -6.43 27.38 -13.99
CA ILE B 319 -7.36 26.27 -13.77
C ILE B 319 -7.36 25.82 -12.31
N ASP B 320 -8.32 24.97 -11.95
CA ASP B 320 -8.46 24.51 -10.57
C ASP B 320 -8.20 23.03 -10.33
N GLY B 321 -7.74 22.30 -11.33
CA GLY B 321 -7.49 20.90 -11.11
C GLY B 321 -7.42 20.07 -12.37
N TRP B 322 -7.23 18.76 -12.19
CA TRP B 322 -7.12 17.86 -13.31
C TRP B 322 -7.93 16.59 -13.17
N ARG B 323 -8.25 16.02 -14.32
CA ARG B 323 -8.97 14.75 -14.44
C ARG B 323 -7.93 13.96 -15.21
N LEU B 324 -7.37 12.92 -14.57
CA LEU B 324 -6.33 12.11 -15.18
C LEU B 324 -6.81 10.94 -16.02
N ASN B 325 -6.67 11.07 -17.33
CA ASN B 325 -7.08 10.04 -18.28
C ASN B 325 -6.26 8.77 -18.11
N VAL B 326 -6.94 7.61 -18.07
CA VAL B 326 -6.27 6.31 -17.92
C VAL B 326 -5.17 6.37 -16.86
N ALA B 327 -5.47 7.04 -15.76
CA ALA B 327 -4.53 7.24 -14.67
C ALA B 327 -3.86 5.95 -14.19
N ASN B 328 -4.57 4.82 -14.23
CA ASN B 328 -3.99 3.57 -13.75
C ASN B 328 -2.93 2.93 -14.63
N GLU B 329 -2.65 3.52 -15.79
CA GLU B 329 -1.61 2.93 -16.65
C GLU B 329 -0.36 3.82 -16.73
N VAL B 330 -0.31 4.81 -15.85
CA VAL B 330 0.82 5.72 -15.70
C VAL B 330 1.40 5.33 -14.33
N ASP B 331 2.72 5.22 -14.23
CA ASP B 331 3.35 4.79 -12.98
C ASP B 331 3.11 5.63 -11.73
N HIS B 332 3.17 4.98 -10.57
CA HIS B 332 2.93 5.64 -9.29
C HIS B 332 3.92 6.75 -8.96
N ALA B 333 5.19 6.54 -9.29
CA ALA B 333 6.20 7.57 -9.00
C ALA B 333 5.77 8.87 -9.69
N PHE B 334 5.36 8.75 -10.96
CA PHE B 334 4.92 9.90 -11.73
C PHE B 334 3.83 10.64 -10.95
N TRP B 335 2.83 9.90 -10.49
CA TRP B 335 1.72 10.51 -9.77
C TRP B 335 2.07 11.11 -8.41
N ARG B 336 3.03 10.52 -7.70
CA ARG B 336 3.43 11.06 -6.40
C ARG B 336 4.11 12.41 -6.62
N GLU B 337 4.97 12.47 -7.62
CA GLU B 337 5.68 13.71 -7.92
C GLU B 337 4.73 14.75 -8.53
N PHE B 338 3.75 14.27 -9.31
CA PHE B 338 2.75 15.14 -9.91
C PHE B 338 1.97 15.84 -8.81
N ARG B 339 1.60 15.08 -7.78
CA ARG B 339 0.84 15.66 -6.68
C ARG B 339 1.66 16.74 -5.99
N ARG B 340 2.92 16.46 -5.72
CA ARG B 340 3.80 17.43 -5.06
C ARG B 340 3.90 18.72 -5.87
N LEU B 341 4.12 18.56 -7.18
CA LEU B 341 4.22 19.69 -8.09
C LEU B 341 2.94 20.51 -8.06
N VAL B 342 1.82 19.85 -8.36
CA VAL B 342 0.52 20.51 -8.38
C VAL B 342 0.17 21.25 -7.10
N LYS B 343 0.28 20.58 -5.96
CA LYS B 343 -0.05 21.19 -4.69
C LYS B 343 0.91 22.33 -4.31
N SER B 344 2.15 22.27 -4.78
CA SER B 344 3.10 23.34 -4.48
C SER B 344 2.68 24.59 -5.26
N LEU B 345 2.21 24.37 -6.49
CA LEU B 345 1.76 25.48 -7.33
C LEU B 345 0.42 26.03 -6.87
N ASN B 346 -0.48 25.12 -6.49
CA ASN B 346 -1.80 25.50 -6.01
C ASN B 346 -2.29 24.44 -5.03
N PRO B 347 -2.27 24.75 -3.73
CA PRO B 347 -2.72 23.83 -2.67
C PRO B 347 -4.16 23.41 -2.85
N ASP B 348 -4.95 24.24 -3.51
CA ASP B 348 -6.36 23.94 -3.73
C ASP B 348 -6.68 23.29 -5.07
N ALA B 349 -5.67 22.96 -5.85
CA ALA B 349 -5.89 22.32 -7.14
C ALA B 349 -6.28 20.86 -6.89
N LEU B 350 -7.40 20.44 -7.48
CA LEU B 350 -7.91 19.08 -7.31
C LEU B 350 -7.34 18.09 -8.31
N ILE B 351 -7.06 16.87 -7.83
CA ILE B 351 -6.53 15.83 -8.70
C ILE B 351 -7.45 14.61 -8.67
N VAL B 352 -8.13 14.38 -9.79
CA VAL B 352 -9.06 13.26 -9.91
C VAL B 352 -8.57 12.26 -10.94
N GLY B 353 -8.32 11.03 -10.51
CA GLY B 353 -7.86 10.03 -11.44
C GLY B 353 -9.02 9.31 -12.13
N GLU B 354 -8.86 8.98 -13.40
CA GLU B 354 -9.89 8.27 -14.13
C GLU B 354 -9.54 6.80 -14.08
N ILE B 355 -10.18 6.07 -13.16
CA ILE B 355 -9.95 4.64 -12.99
C ILE B 355 -11.33 4.06 -12.76
N TRP B 356 -11.64 2.95 -13.43
CA TRP B 356 -12.96 2.34 -13.33
C TRP B 356 -13.15 1.27 -12.27
N HIS B 357 -12.06 0.71 -11.75
CA HIS B 357 -12.12 -0.34 -10.74
C HIS B 357 -11.62 0.15 -9.39
N ASP B 358 -11.41 -0.78 -8.47
CA ASP B 358 -10.90 -0.49 -7.13
C ASP B 358 -9.65 0.37 -7.30
N ALA B 359 -9.70 1.62 -6.84
CA ALA B 359 -8.56 2.53 -6.98
C ALA B 359 -7.82 2.84 -5.68
N SER B 360 -7.94 1.94 -4.69
CA SER B 360 -7.31 2.16 -3.39
C SER B 360 -5.81 2.43 -3.53
N GLY B 361 -5.16 1.72 -4.44
CA GLY B 361 -3.73 1.90 -4.65
C GLY B 361 -3.30 3.33 -4.99
N TRP B 362 -4.25 4.18 -5.38
CA TRP B 362 -3.94 5.57 -5.72
C TRP B 362 -4.65 6.55 -4.79
N LEU B 363 -5.35 6.01 -3.80
CA LEU B 363 -6.10 6.87 -2.88
C LEU B 363 -5.70 6.81 -1.41
N MET B 364 -4.40 6.74 -1.14
CA MET B 364 -3.96 6.71 0.24
C MET B 364 -3.47 8.08 0.73
N GLY B 365 -3.46 9.05 -0.18
CA GLY B 365 -3.06 10.40 0.21
C GLY B 365 -1.86 11.02 -0.49
N ASP B 366 -1.03 10.20 -1.12
CA ASP B 366 0.14 10.72 -1.79
C ASP B 366 0.01 10.80 -3.32
N GLN B 367 -1.19 10.53 -3.83
CA GLN B 367 -1.39 10.60 -5.27
C GLN B 367 -2.63 11.40 -5.64
N PHE B 368 -3.77 10.75 -5.84
CA PHE B 368 -4.97 11.50 -6.21
C PHE B 368 -5.80 11.91 -5.00
N ASP B 369 -6.65 12.91 -5.20
CA ASP B 369 -7.55 13.37 -4.14
C ASP B 369 -8.82 12.55 -4.28
N SER B 370 -9.10 12.12 -5.51
CA SER B 370 -10.32 11.39 -5.82
C SER B 370 -10.21 10.66 -7.16
N VAL B 371 -11.29 9.99 -7.55
CA VAL B 371 -11.35 9.30 -8.83
C VAL B 371 -12.77 9.31 -9.37
N MET B 372 -12.90 9.03 -10.66
CA MET B 372 -14.20 8.95 -11.29
C MET B 372 -14.75 7.68 -10.66
N ASN B 373 -15.73 7.81 -9.78
CA ASN B 373 -16.28 6.66 -9.06
C ASN B 373 -17.20 5.74 -9.85
N TYR B 374 -16.62 4.91 -10.71
CA TYR B 374 -17.42 3.98 -11.50
C TYR B 374 -17.99 2.83 -10.66
N LEU B 375 -17.46 2.61 -9.46
CA LEU B 375 -18.01 1.54 -8.62
C LEU B 375 -19.40 2.04 -8.21
N PHE B 376 -19.49 3.33 -7.91
CA PHE B 376 -20.75 3.95 -7.53
C PHE B 376 -21.74 3.83 -8.70
N ARG B 377 -21.25 4.08 -9.91
CA ARG B 377 -22.12 4.00 -11.08
C ARG B 377 -22.72 2.61 -11.22
N GLU B 378 -21.88 1.59 -11.14
CA GLU B 378 -22.34 0.21 -11.27
C GLU B 378 -23.45 -0.17 -10.29
N SER B 379 -23.30 0.21 -9.02
CA SER B 379 -24.30 -0.10 -8.02
C SER B 379 -25.59 0.65 -8.33
N VAL B 380 -25.44 1.91 -8.76
CA VAL B 380 -26.58 2.74 -9.10
C VAL B 380 -27.30 2.18 -10.34
N ILE B 381 -26.52 1.68 -11.30
CA ILE B 381 -27.08 1.10 -12.52
C ILE B 381 -27.93 -0.11 -12.13
N ARG B 382 -27.30 -1.05 -11.42
CA ARG B 382 -27.96 -2.26 -11.00
C ARG B 382 -29.18 -2.07 -10.11
N PHE B 383 -29.16 -1.03 -9.28
CA PHE B 383 -30.28 -0.81 -8.38
C PHE B 383 -31.44 0.00 -8.94
N PHE B 384 -31.15 1.13 -9.58
CA PHE B 384 -32.22 1.96 -10.12
C PHE B 384 -32.52 1.75 -11.61
N ALA B 385 -31.51 1.36 -12.38
CA ALA B 385 -31.69 1.19 -13.82
C ALA B 385 -32.18 -0.18 -14.27
N THR B 386 -31.36 -1.20 -14.06
CA THR B 386 -31.72 -2.54 -14.50
C THR B 386 -32.47 -3.36 -13.46
N GLY B 387 -32.43 -2.94 -12.21
CA GLY B 387 -33.11 -3.67 -11.17
C GLY B 387 -32.50 -5.04 -10.97
N GLU B 388 -31.22 -5.17 -11.28
CA GLU B 388 -30.49 -6.43 -11.15
C GLU B 388 -30.25 -6.82 -9.69
N ILE B 389 -30.29 -5.85 -8.78
CA ILE B 389 -30.07 -6.11 -7.37
C ILE B 389 -31.16 -5.42 -6.55
N HIS B 390 -31.41 -5.92 -5.34
CA HIS B 390 -32.43 -5.32 -4.49
C HIS B 390 -31.78 -4.37 -3.48
N ALA B 391 -32.60 -3.71 -2.66
CA ALA B 391 -32.12 -2.75 -1.68
C ALA B 391 -31.04 -3.25 -0.72
N GLU B 392 -31.17 -4.49 -0.24
CA GLU B 392 -30.18 -5.00 0.70
C GLU B 392 -28.84 -5.26 0.01
N ARG B 393 -28.88 -5.72 -1.23
CA ARG B 393 -27.64 -5.96 -1.96
C ARG B 393 -27.02 -4.59 -2.31
N PHE B 394 -27.88 -3.60 -2.55
CA PHE B 394 -27.44 -2.24 -2.87
C PHE B 394 -26.69 -1.69 -1.65
N ASP B 395 -27.34 -1.77 -0.50
CA ASP B 395 -26.77 -1.31 0.77
C ASP B 395 -25.38 -1.95 0.99
N ALA B 396 -25.29 -3.24 0.70
CA ALA B 396 -24.04 -3.97 0.88
C ALA B 396 -22.93 -3.48 -0.05
N GLU B 397 -23.24 -3.33 -1.34
CA GLU B 397 -22.25 -2.86 -2.31
C GLU B 397 -21.71 -1.49 -1.95
N LEU B 398 -22.60 -0.59 -1.53
CA LEU B 398 -22.22 0.75 -1.14
C LEU B 398 -21.29 0.71 0.06
N THR B 399 -21.68 -0.06 1.06
CA THR B 399 -20.91 -0.18 2.28
C THR B 399 -19.52 -0.74 2.02
N ARG B 400 -19.46 -1.84 1.27
CA ARG B 400 -18.19 -2.47 0.94
C ARG B 400 -17.28 -1.47 0.20
N ALA B 401 -17.85 -0.68 -0.70
CA ALA B 401 -17.08 0.30 -1.46
C ALA B 401 -16.55 1.41 -0.56
N ARG B 402 -17.40 1.87 0.36
CA ARG B 402 -17.03 2.93 1.29
C ARG B 402 -15.83 2.52 2.15
N MET B 403 -15.75 1.24 2.49
CA MET B 403 -14.66 0.72 3.31
C MET B 403 -13.38 0.48 2.54
N LEU B 404 -13.45 0.65 1.22
CA LEU B 404 -12.29 0.44 0.36
C LEU B 404 -11.20 1.51 0.50
N TYR B 405 -11.61 2.72 0.84
CA TYR B 405 -10.69 3.84 0.93
C TYR B 405 -10.79 4.64 2.22
N PRO B 406 -9.77 5.47 2.50
CA PRO B 406 -9.76 6.31 3.70
C PRO B 406 -10.92 7.30 3.52
N GLU B 407 -11.49 7.74 4.61
CA GLU B 407 -12.61 8.68 4.56
C GLU B 407 -12.35 9.94 3.73
N GLN B 408 -11.10 10.42 3.68
CA GLN B 408 -10.81 11.63 2.93
C GLN B 408 -11.05 11.45 1.45
N ALA B 409 -10.81 10.24 0.95
CA ALA B 409 -11.04 9.93 -0.45
C ALA B 409 -12.55 9.73 -0.67
N ALA B 410 -13.16 8.86 0.13
CA ALA B 410 -14.59 8.58 0.01
C ALA B 410 -15.43 9.85 -0.01
N GLN B 411 -15.12 10.79 0.89
CA GLN B 411 -15.83 12.05 1.01
C GLN B 411 -15.89 12.89 -0.28
N GLY B 412 -14.95 12.68 -1.19
CA GLY B 412 -14.93 13.46 -2.42
C GLY B 412 -14.94 12.71 -3.74
N LEU B 413 -15.32 11.44 -3.72
CA LEU B 413 -15.35 10.64 -4.94
C LEU B 413 -16.35 11.26 -5.93
N TRP B 414 -16.01 11.26 -7.21
CA TRP B 414 -16.90 11.81 -8.23
C TRP B 414 -17.95 10.77 -8.59
N ASN B 415 -19.13 10.93 -8.01
CA ASN B 415 -20.22 9.98 -8.23
C ASN B 415 -21.00 10.35 -9.49
N LEU B 416 -20.68 9.66 -10.58
CA LEU B 416 -21.33 9.92 -11.87
C LEU B 416 -22.38 8.85 -12.16
N LEU B 417 -23.34 9.18 -13.02
CA LEU B 417 -24.37 8.22 -13.40
C LEU B 417 -23.97 7.62 -14.73
N ASP B 418 -23.13 8.36 -15.45
CA ASP B 418 -22.69 7.96 -16.77
C ASP B 418 -21.60 8.94 -17.23
N SER B 419 -21.07 8.71 -18.43
CA SER B 419 -20.04 9.58 -18.98
C SER B 419 -20.08 9.51 -20.50
N HIS B 420 -19.09 10.12 -21.15
CA HIS B 420 -19.00 10.12 -22.60
C HIS B 420 -18.53 8.76 -23.11
N ASP B 421 -18.33 7.82 -22.19
CA ASP B 421 -17.88 6.48 -22.56
C ASP B 421 -18.95 5.43 -22.23
N THR B 422 -20.12 5.89 -21.82
CA THR B 422 -21.23 4.98 -21.49
C THR B 422 -22.55 5.45 -22.11
N GLU B 423 -23.56 4.60 -22.02
CA GLU B 423 -24.88 4.97 -22.52
C GLU B 423 -25.41 5.98 -21.51
N ARG B 424 -26.36 6.81 -21.92
CA ARG B 424 -26.96 7.79 -21.03
C ARG B 424 -27.72 7.02 -19.96
N PHE B 425 -27.82 7.58 -18.76
CA PHE B 425 -28.52 6.89 -17.68
C PHE B 425 -30.02 6.73 -17.92
N LEU B 426 -30.64 7.71 -18.56
CA LEU B 426 -32.07 7.63 -18.85
C LEU B 426 -32.30 6.41 -19.73
N THR B 427 -31.37 6.18 -20.64
CA THR B 427 -31.44 5.03 -21.55
C THR B 427 -31.19 3.74 -20.77
N SER B 428 -30.36 3.81 -19.73
CA SER B 428 -30.09 2.63 -18.92
C SER B 428 -31.38 2.26 -18.20
N CYS B 429 -32.15 3.29 -17.85
CA CYS B 429 -33.43 3.10 -17.17
C CYS B 429 -34.53 2.77 -18.18
N GLY B 430 -34.14 2.49 -19.42
CA GLY B 430 -35.12 2.18 -20.45
C GLY B 430 -36.09 3.32 -20.67
N GLY B 431 -35.63 4.55 -20.46
CA GLY B 431 -36.48 5.70 -20.66
C GLY B 431 -37.44 6.04 -19.52
N ASN B 432 -37.37 5.28 -18.44
CA ASN B 432 -38.24 5.52 -17.28
C ASN B 432 -37.74 6.72 -16.47
N GLU B 433 -38.46 7.85 -16.54
CA GLU B 433 -38.06 9.05 -15.83
C GLU B 433 -38.16 8.92 -14.30
N ALA B 434 -39.14 8.17 -13.83
CA ALA B 434 -39.32 7.98 -12.39
C ALA B 434 -38.08 7.32 -11.79
N LYS B 435 -37.56 6.30 -12.48
CA LYS B 435 -36.38 5.60 -12.02
C LYS B 435 -35.14 6.49 -12.12
N PHE B 436 -35.05 7.23 -13.21
CA PHE B 436 -33.94 8.15 -13.44
C PHE B 436 -33.89 9.17 -12.31
N ARG B 437 -35.02 9.77 -12.00
CA ARG B 437 -35.08 10.78 -10.95
C ARG B 437 -34.67 10.25 -9.58
N LEU B 438 -35.10 9.04 -9.23
CA LEU B 438 -34.75 8.46 -7.94
C LEU B 438 -33.23 8.36 -7.86
N ALA B 439 -32.62 7.90 -8.95
CA ALA B 439 -31.17 7.76 -9.01
C ALA B 439 -30.51 9.11 -8.76
N VAL B 440 -31.02 10.15 -9.42
CA VAL B 440 -30.49 11.50 -9.27
C VAL B 440 -30.64 12.00 -7.84
N LEU B 441 -31.79 11.72 -7.23
CA LEU B 441 -32.01 12.16 -5.85
C LEU B 441 -30.96 11.48 -4.95
N PHE B 442 -30.65 10.23 -5.25
CA PHE B 442 -29.65 9.49 -4.48
C PHE B 442 -28.27 10.11 -4.70
N GLN B 443 -27.94 10.34 -5.96
CA GLN B 443 -26.65 10.94 -6.32
C GLN B 443 -26.44 12.27 -5.61
N MET B 444 -27.51 13.07 -5.49
CA MET B 444 -27.42 14.39 -4.87
C MET B 444 -27.39 14.42 -3.34
N THR B 445 -27.66 13.29 -2.71
CA THR B 445 -27.68 13.23 -1.25
C THR B 445 -26.69 12.23 -0.66
N TYR B 446 -26.08 11.41 -1.49
CA TYR B 446 -25.14 10.40 -1.01
C TYR B 446 -23.74 10.95 -0.73
N LEU B 447 -22.95 10.17 0.01
CA LEU B 447 -21.58 10.58 0.33
C LEU B 447 -20.73 10.62 -0.93
N GLY B 448 -20.18 11.80 -1.23
CA GLY B 448 -19.35 11.94 -2.42
C GLY B 448 -19.71 13.22 -3.14
N THR B 449 -19.10 13.46 -4.28
CA THR B 449 -19.42 14.67 -5.03
C THR B 449 -20.08 14.30 -6.35
N PRO B 450 -21.28 14.83 -6.59
CA PRO B 450 -21.99 14.51 -7.84
C PRO B 450 -21.39 15.11 -9.10
N LEU B 451 -21.34 14.30 -10.16
CA LEU B 451 -20.83 14.72 -11.46
C LEU B 451 -21.99 14.59 -12.45
N ILE B 452 -22.40 15.71 -13.04
CA ILE B 452 -23.49 15.71 -13.99
C ILE B 452 -22.98 15.68 -15.41
N TYR B 453 -23.50 14.76 -16.22
CA TYR B 453 -23.09 14.67 -17.61
C TYR B 453 -24.02 15.60 -18.42
N TYR B 454 -23.45 16.57 -19.11
CA TYR B 454 -24.20 17.56 -19.88
C TYR B 454 -25.42 16.98 -20.61
N GLY B 455 -26.57 17.60 -20.39
CA GLY B 455 -27.77 17.13 -21.06
C GLY B 455 -28.67 16.25 -20.22
N ASP B 456 -28.09 15.46 -19.33
CA ASP B 456 -28.89 14.58 -18.49
C ASP B 456 -29.93 15.39 -17.74
N GLU B 457 -29.55 16.60 -17.31
CA GLU B 457 -30.45 17.46 -16.57
C GLU B 457 -31.66 17.97 -17.36
N ILE B 458 -31.62 17.89 -18.69
CA ILE B 458 -32.78 18.32 -19.48
C ILE B 458 -33.36 17.18 -20.31
N GLY B 459 -33.14 15.96 -19.84
CA GLY B 459 -33.70 14.78 -20.49
C GLY B 459 -33.02 14.10 -21.65
N MET B 460 -31.79 14.47 -21.98
CA MET B 460 -31.13 13.84 -23.11
C MET B 460 -30.96 12.34 -22.89
N ALA B 461 -30.96 11.61 -24.00
CA ALA B 461 -30.82 10.15 -23.96
C ALA B 461 -29.80 9.72 -24.98
N GLY B 462 -29.49 8.42 -25.00
CA GLY B 462 -28.52 7.94 -25.97
C GLY B 462 -27.82 6.66 -25.60
N ALA B 463 -27.38 5.94 -26.62
CA ALA B 463 -26.65 4.70 -26.44
C ALA B 463 -25.22 5.12 -26.11
N THR B 464 -24.31 4.15 -26.03
CA THR B 464 -22.93 4.45 -25.69
C THR B 464 -22.17 5.11 -26.83
N ASP B 465 -20.98 5.60 -26.51
CA ASP B 465 -20.08 6.25 -27.45
C ASP B 465 -20.24 5.62 -28.83
N PRO B 466 -20.48 6.45 -29.87
CA PRO B 466 -20.59 7.92 -29.83
C PRO B 466 -21.98 8.50 -29.65
N ASP B 467 -22.99 7.64 -29.49
CA ASP B 467 -24.36 8.15 -29.35
C ASP B 467 -24.66 8.89 -28.06
N CYS B 468 -23.76 8.80 -27.08
CA CYS B 468 -23.97 9.51 -25.83
C CYS B 468 -23.43 10.93 -25.97
N ARG B 469 -22.73 11.18 -27.08
CA ARG B 469 -22.13 12.48 -27.35
C ARG B 469 -22.93 13.30 -28.36
N ARG B 470 -24.26 13.27 -28.24
CA ARG B 470 -25.11 14.02 -29.16
C ARG B 470 -25.12 15.49 -28.78
N PRO B 471 -25.41 16.38 -29.74
CA PRO B 471 -25.45 17.82 -29.51
C PRO B 471 -26.39 18.20 -28.37
N MET B 472 -25.95 19.11 -27.52
CA MET B 472 -26.75 19.57 -26.39
C MET B 472 -28.07 20.17 -26.88
N ILE B 473 -29.13 19.95 -26.12
CA ILE B 473 -30.46 20.47 -26.46
C ILE B 473 -30.68 21.80 -25.74
N TRP B 474 -30.67 22.89 -26.50
CA TRP B 474 -30.85 24.22 -25.94
C TRP B 474 -32.28 24.75 -26.15
N GLU B 475 -32.95 24.19 -27.15
CA GLU B 475 -34.31 24.59 -27.48
C GLU B 475 -35.21 24.32 -26.28
N GLU B 476 -35.63 25.40 -25.63
CA GLU B 476 -36.48 25.34 -24.45
C GLU B 476 -37.62 24.32 -24.59
N LYS B 477 -38.26 24.32 -25.75
CA LYS B 477 -39.37 23.43 -26.03
C LYS B 477 -38.97 21.96 -26.10
N GLU B 478 -37.69 21.71 -26.36
CA GLU B 478 -37.22 20.34 -26.45
C GLU B 478 -36.56 19.84 -25.17
N GLN B 479 -36.48 20.68 -24.14
CA GLN B 479 -35.87 20.30 -22.87
C GLN B 479 -36.90 19.90 -21.83
N ASN B 480 -36.52 18.95 -20.99
CA ASN B 480 -37.40 18.52 -19.91
C ASN B 480 -37.13 19.52 -18.79
N ARG B 481 -37.88 20.63 -18.80
CA ARG B 481 -37.70 21.67 -17.80
C ARG B 481 -38.09 21.22 -16.39
N GLY B 482 -39.06 20.32 -16.29
CA GLY B 482 -39.47 19.83 -14.99
C GLY B 482 -38.28 19.16 -14.32
N LEU B 483 -37.55 18.37 -15.10
CA LEU B 483 -36.37 17.68 -14.60
C LEU B 483 -35.31 18.70 -14.20
N PHE B 484 -35.16 19.72 -15.03
CA PHE B 484 -34.18 20.77 -14.77
C PHE B 484 -34.42 21.43 -13.42
N GLU B 485 -35.68 21.75 -13.14
CA GLU B 485 -36.03 22.38 -11.87
C GLU B 485 -35.83 21.38 -10.73
N PHE B 486 -35.98 20.09 -11.04
CA PHE B 486 -35.80 19.03 -10.05
C PHE B 486 -34.34 19.06 -9.61
N TYR B 487 -33.44 19.05 -10.60
CA TYR B 487 -32.01 19.10 -10.34
C TYR B 487 -31.65 20.33 -9.51
N LYS B 488 -32.20 21.48 -9.91
CA LYS B 488 -31.94 22.74 -9.22
C LYS B 488 -32.29 22.68 -7.74
N GLU B 489 -33.43 22.06 -7.43
CA GLU B 489 -33.86 21.95 -6.04
C GLU B 489 -32.92 21.05 -5.25
N LEU B 490 -32.52 19.93 -5.84
CA LEU B 490 -31.62 18.98 -5.18
C LEU B 490 -30.26 19.61 -4.92
N ILE B 491 -29.75 20.34 -5.91
CA ILE B 491 -28.46 20.98 -5.79
C ILE B 491 -28.53 22.06 -4.72
N ARG B 492 -29.62 22.82 -4.67
CA ARG B 492 -29.75 23.86 -3.65
C ARG B 492 -29.77 23.26 -2.25
N LEU B 493 -30.49 22.16 -2.08
CA LEU B 493 -30.58 21.49 -0.78
C LEU B 493 -29.19 21.02 -0.36
N ARG B 494 -28.47 20.44 -1.31
CA ARG B 494 -27.13 19.97 -1.03
C ARG B 494 -26.26 21.09 -0.48
N HIS B 495 -26.31 22.26 -1.12
CA HIS B 495 -25.52 23.40 -0.65
C HIS B 495 -26.11 23.90 0.66
N ARG B 496 -27.40 23.65 0.85
CA ARG B 496 -28.14 24.12 2.02
C ARG B 496 -27.99 23.29 3.30
N LEU B 497 -27.83 21.97 3.14
CA LEU B 497 -27.69 21.08 4.30
C LEU B 497 -26.26 20.58 4.45
N ALA B 498 -25.59 21.06 5.49
CA ALA B 498 -24.20 20.71 5.77
C ALA B 498 -23.90 19.22 5.79
N SER B 499 -24.80 18.42 6.35
CA SER B 499 -24.56 16.98 6.41
C SER B 499 -24.46 16.33 5.04
N LEU B 500 -25.09 16.93 4.03
CA LEU B 500 -25.05 16.36 2.68
C LEU B 500 -23.70 16.51 1.99
N THR B 501 -22.91 17.49 2.40
CA THR B 501 -21.60 17.65 1.78
C THR B 501 -20.47 17.21 2.70
N ARG B 502 -20.61 17.51 3.99
CA ARG B 502 -19.57 17.18 4.96
C ARG B 502 -19.95 16.17 6.03
N GLY B 503 -21.13 15.58 5.91
CA GLY B 503 -21.53 14.61 6.90
C GLY B 503 -21.05 13.22 6.55
N ASN B 504 -21.05 12.32 7.54
CA ASN B 504 -20.66 10.94 7.29
C ASN B 504 -21.92 10.29 6.75
N VAL B 505 -21.89 8.98 6.54
CA VAL B 505 -23.08 8.28 6.06
C VAL B 505 -23.20 6.95 6.79
N ARG B 506 -24.43 6.56 7.09
CA ARG B 506 -24.71 5.30 7.76
C ARG B 506 -26.00 4.71 7.21
N SER B 507 -26.05 3.40 7.09
CA SER B 507 -27.26 2.74 6.61
C SER B 507 -28.36 2.97 7.63
N TRP B 508 -29.59 3.12 7.14
CA TRP B 508 -30.72 3.37 8.02
C TRP B 508 -31.69 2.20 7.91
N HIS B 509 -32.03 1.84 6.68
CA HIS B 509 -32.95 0.75 6.44
C HIS B 509 -32.75 0.20 5.04
N ALA B 510 -32.82 -1.12 4.91
CA ALA B 510 -32.68 -1.80 3.63
C ALA B 510 -33.60 -3.02 3.66
N ASP B 511 -34.60 -3.02 2.79
CA ASP B 511 -35.57 -4.11 2.71
C ASP B 511 -35.61 -4.70 1.29
N LYS B 512 -35.10 -5.91 1.16
CA LYS B 512 -35.04 -6.58 -0.14
C LYS B 512 -36.41 -6.90 -0.74
N GLN B 513 -37.43 -7.06 0.10
CA GLN B 513 -38.75 -7.38 -0.42
C GLN B 513 -39.52 -6.15 -0.84
N ALA B 514 -39.44 -5.08 -0.05
CA ALA B 514 -40.12 -3.84 -0.37
C ALA B 514 -39.22 -2.99 -1.28
N ASN B 515 -37.95 -3.37 -1.31
CA ASN B 515 -36.93 -2.67 -2.10
C ASN B 515 -36.81 -1.21 -1.71
N LEU B 516 -36.95 -0.95 -0.42
CA LEU B 516 -36.80 0.40 0.10
C LEU B 516 -35.41 0.48 0.71
N TYR B 517 -34.73 1.60 0.45
CA TYR B 517 -33.40 1.81 1.00
C TYR B 517 -33.32 3.20 1.60
N ALA B 518 -32.71 3.28 2.78
CA ALA B 518 -32.57 4.55 3.47
C ALA B 518 -31.22 4.67 4.17
N PHE B 519 -30.67 5.86 4.19
CA PHE B 519 -29.40 6.13 4.86
C PHE B 519 -29.50 7.47 5.55
N VAL B 520 -28.59 7.71 6.49
CA VAL B 520 -28.57 8.96 7.24
C VAL B 520 -27.22 9.65 7.07
N ARG B 521 -27.25 10.96 6.85
CA ARG B 521 -26.04 11.76 6.72
C ARG B 521 -25.97 12.57 8.02
N THR B 522 -24.81 12.56 8.67
CA THR B 522 -24.65 13.26 9.93
C THR B 522 -23.36 14.05 10.08
N VAL B 523 -23.48 15.25 10.66
CA VAL B 523 -22.35 16.12 10.96
C VAL B 523 -22.83 17.02 12.09
N GLN B 524 -22.07 17.07 13.19
CA GLN B 524 -22.47 17.87 14.35
C GLN B 524 -23.83 17.35 14.83
N ASP B 525 -24.73 18.28 15.12
CA ASP B 525 -26.07 17.93 15.59
C ASP B 525 -27.06 17.71 14.45
N GLN B 526 -26.63 17.98 13.22
CA GLN B 526 -27.52 17.82 12.08
C GLN B 526 -27.57 16.40 11.55
N HIS B 527 -28.79 15.91 11.33
CA HIS B 527 -29.06 14.58 10.82
C HIS B 527 -30.04 14.67 9.65
N VAL B 528 -29.68 14.08 8.53
CA VAL B 528 -30.56 14.09 7.37
C VAL B 528 -30.76 12.67 6.87
N GLY B 529 -32.00 12.20 6.97
CA GLY B 529 -32.33 10.86 6.52
C GLY B 529 -32.94 10.87 5.15
N VAL B 530 -32.37 10.07 4.25
CA VAL B 530 -32.87 9.96 2.89
C VAL B 530 -33.52 8.59 2.72
N VAL B 531 -34.79 8.57 2.35
CA VAL B 531 -35.53 7.34 2.16
C VAL B 531 -35.96 7.18 0.70
N LEU B 532 -35.55 6.08 0.09
CA LEU B 532 -35.87 5.83 -1.32
C LEU B 532 -36.79 4.64 -1.53
N ASN B 533 -37.98 4.90 -2.07
CA ASN B 533 -38.95 3.84 -2.34
C ASN B 533 -38.71 3.39 -3.78
N ASN B 534 -37.70 2.56 -3.97
CA ASN B 534 -37.35 2.09 -5.32
C ASN B 534 -38.26 0.98 -5.82
N ARG B 535 -39.55 1.25 -5.83
CA ARG B 535 -40.55 0.28 -6.29
C ARG B 535 -41.71 1.00 -6.96
N GLY B 536 -42.24 0.40 -8.02
CA GLY B 536 -43.35 1.00 -8.73
C GLY B 536 -44.66 0.83 -8.00
N GLU B 537 -44.61 0.91 -6.67
CA GLU B 537 -45.80 0.74 -5.85
C GLU B 537 -45.75 1.64 -4.63
N LYS B 538 -46.89 2.26 -4.30
CA LYS B 538 -46.97 3.13 -3.14
C LYS B 538 -46.78 2.27 -1.91
N GLN B 539 -45.93 2.71 -0.98
CA GLN B 539 -45.69 1.93 0.23
C GLN B 539 -45.55 2.78 1.48
N THR B 540 -45.74 2.13 2.62
CA THR B 540 -45.62 2.77 3.92
C THR B 540 -44.64 1.94 4.74
N VAL B 541 -43.80 2.61 5.52
CA VAL B 541 -42.82 1.92 6.34
C VAL B 541 -42.63 2.64 7.66
N LEU B 542 -42.21 1.88 8.66
CA LEU B 542 -41.94 2.43 9.97
C LEU B 542 -40.45 2.30 10.21
N LEU B 543 -39.78 3.44 10.31
CA LEU B 543 -38.36 3.44 10.53
C LEU B 543 -38.03 3.93 11.92
N GLN B 544 -37.01 3.34 12.52
CA GLN B 544 -36.59 3.72 13.85
C GLN B 544 -35.95 5.10 13.74
N VAL B 545 -36.26 6.00 14.66
CA VAL B 545 -35.68 7.33 14.63
C VAL B 545 -34.15 7.16 14.66
N PRO B 546 -33.46 7.73 13.66
CA PRO B 546 -32.00 7.63 13.59
C PRO B 546 -31.28 8.07 14.86
N GLU B 547 -30.19 7.35 15.14
CA GLU B 547 -29.33 7.55 16.29
C GLU B 547 -29.06 9.02 16.65
N SER B 548 -29.58 9.43 17.80
CA SER B 548 -29.42 10.79 18.33
C SER B 548 -29.79 11.89 17.34
N GLY B 549 -30.97 11.77 16.74
CA GLY B 549 -31.42 12.75 15.76
C GLY B 549 -32.54 13.71 16.15
N GLY B 550 -33.40 13.33 17.08
CA GLY B 550 -34.49 14.20 17.49
C GLY B 550 -35.85 13.61 17.15
N LYS B 551 -36.93 14.23 17.63
CA LYS B 551 -38.28 13.71 17.38
C LYS B 551 -39.07 14.47 16.31
N THR B 552 -38.48 15.51 15.74
CA THR B 552 -39.17 16.28 14.70
C THR B 552 -38.33 16.33 13.42
N TRP B 553 -38.91 15.86 12.33
CA TRP B 553 -38.23 15.84 11.05
C TRP B 553 -39.03 16.55 9.96
N LEU B 554 -38.32 17.07 8.96
CA LEU B 554 -38.97 17.78 7.87
C LEU B 554 -38.47 17.30 6.52
N ASP B 555 -39.39 16.85 5.67
CA ASP B 555 -38.99 16.43 4.33
C ASP B 555 -38.80 17.73 3.57
N CYS B 556 -37.54 18.10 3.37
CA CYS B 556 -37.20 19.34 2.69
C CYS B 556 -37.74 19.47 1.26
N LEU B 557 -38.11 18.35 0.66
CA LEU B 557 -38.64 18.38 -0.70
C LEU B 557 -40.11 18.79 -0.77
N THR B 558 -40.84 18.61 0.33
CA THR B 558 -42.27 18.91 0.34
C THR B 558 -42.75 19.80 1.47
N GLY B 559 -41.94 19.95 2.50
CA GLY B 559 -42.34 20.75 3.63
C GLY B 559 -43.16 19.92 4.59
N GLU B 560 -43.26 18.63 4.31
CA GLU B 560 -44.02 17.72 5.17
C GLU B 560 -43.29 17.53 6.49
N GLU B 561 -44.03 17.69 7.57
CA GLU B 561 -43.49 17.56 8.91
C GLU B 561 -43.82 16.14 9.41
N VAL B 562 -42.83 15.46 9.98
CA VAL B 562 -43.03 14.12 10.49
C VAL B 562 -42.49 14.03 11.91
N HIS B 563 -43.30 13.50 12.83
CA HIS B 563 -42.90 13.39 14.23
C HIS B 563 -42.59 11.96 14.66
N GLY B 564 -41.64 11.83 15.57
CA GLY B 564 -41.27 10.52 16.05
C GLY B 564 -42.32 9.98 17.02
N LYS B 565 -42.92 8.86 16.66
CA LYS B 565 -43.92 8.24 17.52
C LYS B 565 -43.26 7.10 18.27
N GLN B 566 -43.16 7.23 19.58
CA GLN B 566 -42.54 6.20 20.40
C GLN B 566 -41.25 5.69 19.75
N GLY B 567 -40.39 6.63 19.36
CA GLY B 567 -39.11 6.29 18.75
C GLY B 567 -39.18 5.77 17.33
N GLN B 568 -40.20 6.19 16.58
CA GLN B 568 -40.37 5.75 15.21
C GLN B 568 -40.96 6.81 14.30
N LEU B 569 -40.79 6.60 13.00
CA LEU B 569 -41.31 7.52 12.00
C LEU B 569 -42.12 6.75 10.97
N LYS B 570 -43.39 7.14 10.81
CA LYS B 570 -44.26 6.49 9.84
C LYS B 570 -44.12 7.29 8.55
N LEU B 571 -43.74 6.60 7.47
CA LEU B 571 -43.57 7.29 6.20
C LEU B 571 -44.33 6.60 5.08
N THR B 572 -45.05 7.39 4.29
CA THR B 572 -45.79 6.86 3.16
C THR B 572 -45.12 7.42 1.91
N LEU B 573 -44.63 6.52 1.06
CA LEU B 573 -43.91 6.91 -0.15
C LEU B 573 -44.68 6.54 -1.41
N ARG B 574 -44.78 7.47 -2.34
CA ARG B 574 -45.46 7.19 -3.61
C ARG B 574 -44.46 6.41 -4.45
N PRO B 575 -44.93 5.75 -5.51
CA PRO B 575 -43.99 4.99 -6.35
C PRO B 575 -42.75 5.82 -6.71
N TYR B 576 -41.58 5.24 -6.47
CA TYR B 576 -40.31 5.87 -6.76
C TYR B 576 -40.10 7.24 -6.13
N GLN B 577 -40.75 7.50 -5.01
CA GLN B 577 -40.58 8.77 -4.33
C GLN B 577 -39.37 8.68 -3.39
N GLY B 578 -38.75 9.83 -3.12
CA GLY B 578 -37.63 9.88 -2.22
C GLY B 578 -37.91 11.00 -1.24
N MET B 579 -37.52 10.82 0.02
CA MET B 579 -37.72 11.85 1.03
C MET B 579 -36.36 12.29 1.57
N ILE B 580 -36.25 13.55 1.92
CA ILE B 580 -35.02 14.11 2.46
C ILE B 580 -35.42 14.74 3.79
N LEU B 581 -35.37 13.91 4.84
CA LEU B 581 -35.76 14.33 6.19
C LEU B 581 -34.67 14.98 7.02
N TRP B 582 -34.86 16.27 7.27
CA TRP B 582 -33.94 17.08 8.06
C TRP B 582 -34.43 17.13 9.51
N ASN B 583 -33.55 16.85 10.45
CA ASN B 583 -33.90 16.85 11.86
C ASN B 583 -33.98 18.25 12.46
N GLY B 584 -33.78 19.27 11.62
CA GLY B 584 -33.89 20.64 12.11
C GLY B 584 -32.69 21.27 12.77
N ARG B 585 -31.56 20.57 12.81
CA ARG B 585 -30.36 21.12 13.44
C ARG B 585 -29.24 21.35 12.44
C1 GLC C . 9.94 -8.71 20.44
C2 GLC C . 8.98 -8.12 19.41
C3 GLC C . 9.14 -6.60 19.30
C4 GLC C . 9.28 -5.89 20.66
C5 GLC C . 10.16 -6.68 21.64
C6 GLC C . 10.14 -6.15 23.06
O1 GLC C . 9.68 -10.06 20.61
O2 GLC C . 9.24 -8.70 18.14
O3 GLC C . 8.03 -6.06 18.61
O4 GLC C . 9.90 -4.61 20.43
O5 GLC C . 9.76 -8.05 21.70
O6 GLC C . 8.93 -5.43 23.33
C1 GLC C . 9.14 -3.47 20.74
C2 GLC C . 8.91 -2.65 19.47
C3 GLC C . 10.24 -2.09 18.94
C4 GLC C . 11.00 -1.33 20.04
C5 GLC C . 11.09 -2.18 21.32
C6 GLC C . 11.63 -1.39 22.49
O2 GLC C . 8.31 -3.45 18.47
O3 GLC C . 9.98 -1.21 17.86
O4 GLC C . 12.32 -0.99 19.57
O5 GLC C . 9.79 -2.66 21.71
O6 GLC C . 10.90 -0.17 22.68
C1 GLC C . 12.60 0.39 19.55
C2 GLC C . 12.96 0.85 18.13
C3 GLC C . 14.35 0.34 17.74
C4 GLC C . 15.38 0.84 18.77
C5 GLC C . 14.96 0.35 20.17
C6 GLC C . 15.86 0.94 21.24
O2 GLC C . 11.99 0.37 17.20
O3 GLC C . 14.70 0.81 16.45
O4 GLC C . 16.69 0.31 18.46
O5 GLC C . 13.61 0.78 20.47
O6 GLC C . 15.98 0.04 22.32
C1 GLC C . 17.53 1.09 17.62
C2 GLC C . 18.97 0.58 17.74
C3 GLC C . 19.35 0.70 19.22
C4 GLC C . 19.32 2.18 19.62
C5 GLC C . 17.96 2.85 19.26
C6 GLC C . 18.10 4.36 19.25
O2 GLC C . 19.07 -0.76 17.29
O3 GLC C . 20.62 0.15 19.46
O4 GLC C . 19.53 2.29 21.04
O5 GLC C . 17.51 2.48 17.92
O6 GLC C . 19.06 4.77 18.29
C1 GLC C . 20.51 3.20 21.47
C2 GLC C . 21.48 2.45 22.38
C3 GLC C . 20.71 1.90 23.58
C4 GLC C . 19.96 3.03 24.32
C5 GLC C . 19.13 3.88 23.33
C6 GLC C . 18.58 5.15 23.94
O2 GLC C . 22.11 1.41 21.66
O3 GLC C . 21.60 1.24 24.47
O4 GLC C . 19.06 2.45 25.30
O5 GLC C . 19.94 4.27 22.20
O6 GLC C . 19.59 5.89 24.61
C1 GLC C . 19.60 2.19 26.56
C2 GLC C . 19.01 0.89 27.11
C3 GLC C . 17.54 1.10 27.44
C4 GLC C . 17.40 2.24 28.45
C5 GLC C . 18.04 3.51 27.88
C6 GLC C . 18.06 4.63 28.91
O2 GLC C . 19.13 -0.15 26.17
O3 GLC C . 17.00 -0.10 28.00
O4 GLC C . 16.03 2.47 28.72
O5 GLC C . 19.41 3.26 27.48
O6 GLC C . 16.94 4.56 29.77
C1 GLC D . -17.63 -2.15 -14.50
C2 GLC D . -16.26 -2.82 -14.33
C3 GLC D . -15.24 -2.18 -15.27
C4 GLC D . -15.76 -2.09 -16.72
C5 GLC D . -17.19 -1.52 -16.76
C6 GLC D . -17.81 -1.62 -18.14
O1 GLC D . -18.56 -2.82 -13.71
O2 GLC D . -15.82 -2.68 -12.99
O3 GLC D . -14.05 -2.97 -15.25
O4 GLC D . -14.89 -1.24 -17.49
O5 GLC D . -18.05 -2.25 -15.86
O6 GLC D . -19.18 -1.24 -18.12
C1 GLC D . -13.88 -1.87 -18.22
C2 GLC D . -12.49 -1.49 -17.67
C3 GLC D . -12.15 -0.04 -18.02
C4 GLC D . -12.32 0.20 -19.52
C5 GLC D . -13.71 -0.23 -19.98
C6 GLC D . -13.88 -0.14 -21.47
O2 GLC D . -12.47 -1.65 -16.26
O3 GLC D . -10.82 0.24 -17.62
O4 GLC D . -12.10 1.60 -19.82
O5 GLC D . -13.95 -1.61 -19.61
O6 GLC D . -12.77 -0.73 -22.15
C1 GLC D . -10.95 1.86 -20.59
C2 GLC D . -10.02 2.85 -19.87
C3 GLC D . -10.62 4.27 -19.90
C4 GLC D . -10.90 4.68 -21.35
C5 GLC D . -11.81 3.64 -22.03
C6 GLC D . -11.99 3.92 -23.50
O2 GLC D . -9.80 2.44 -18.53
O3 GLC D . -9.72 5.18 -19.29
O4 GLC D . -11.53 5.97 -21.40
O5 GLC D . -11.25 2.29 -21.91
O6 GLC D . -13.25 3.46 -23.97
C1 GLC D . -10.72 7.12 -21.46
C2 GLC D . -11.56 8.31 -21.91
C3 GLC D . -12.14 7.97 -23.28
C4 GLC D . -10.98 7.78 -24.26
C5 GLC D . -9.95 6.74 -23.74
C6 GLC D . -8.66 6.82 -24.52
O2 GLC D . -12.59 8.58 -20.98
O3 GLC D . -13.02 8.99 -23.73
O4 GLC D . -11.51 7.31 -25.51
O5 GLC D . -9.61 6.97 -22.34
O6 GLC D . -8.12 8.13 -24.45
C1 GLC D . -11.08 8.01 -26.66
C2 GLC D . -12.31 8.47 -27.43
C3 GLC D . -13.13 7.24 -27.81
C4 GLC D . -12.26 6.25 -28.62
C5 GLC D . -10.93 5.95 -27.89
C6 GLC D . -9.95 5.19 -28.76
O2 GLC D . -13.09 9.34 -26.61
O3 GLC D . -14.27 7.61 -28.56
O4 GLC D . -12.99 5.02 -28.77
O5 GLC D . -10.29 7.18 -27.49
O6 GLC D . -9.85 5.78 -30.05
C1 GLC D . -13.41 4.71 -30.08
C2 GLC D . -14.90 4.44 -30.09
C3 GLC D . -15.20 3.21 -29.23
C4 GLC D . -14.44 2.02 -29.79
C5 GLC D . -12.93 2.34 -29.90
C6 GLC D . -12.19 1.26 -30.67
O2 GLC D . -15.60 5.57 -29.59
O3 GLC D . -16.59 2.95 -29.27
O4 GLC D . -14.62 0.91 -28.93
O5 GLC D . -12.71 3.58 -30.61
O6 GLC D . -13.06 0.53 -31.52
CA CA E . 41.11 0.93 20.75
CA CA F . -17.75 26.53 -33.54
#